data_1SA8
#
_entry.id   1SA8
#
_entity_poly.entity_id   1
_entity_poly.type   'polypeptide(L)'
_entity_poly.pdbx_seq_one_letter_code
;AFDGTWKVGGLKLTITQEGNKFTVKESSNFRNIDVVFELGVDFAYSLADGTELTGTWTMEGNKLVGKFKRVDNGKELIAV
REISGNELIQTYTYEGVEAKRIFKKE
;
_entity_poly.pdbx_strand_id   A
#
# COMPACT_ATOMS: atom_id res chain seq x y z
N ALA A 1 -16.65 -4.44 0.72
CA ALA A 1 -16.09 -3.78 -0.48
C ALA A 1 -15.08 -2.72 -0.07
N PHE A 2 -13.93 -2.72 -0.73
CA PHE A 2 -12.82 -1.87 -0.30
C PHE A 2 -13.01 -0.40 -0.65
N ASP A 3 -13.86 -0.11 -1.64
CA ASP A 3 -14.13 1.27 -2.06
C ASP A 3 -14.71 2.10 -0.91
N GLY A 4 -13.83 2.56 -0.05
CA GLY A 4 -14.21 3.19 1.19
C GLY A 4 -13.03 3.89 1.81
N THR A 5 -13.26 4.67 2.84
CA THR A 5 -12.17 5.37 3.51
C THR A 5 -11.78 4.62 4.78
N TRP A 6 -10.49 4.31 4.90
CA TRP A 6 -9.98 3.60 6.07
C TRP A 6 -8.79 4.38 6.62
N LYS A 7 -9.02 5.15 7.66
CA LYS A 7 -7.96 5.99 8.19
C LYS A 7 -8.33 6.55 9.56
N VAL A 8 -7.33 7.13 10.21
CA VAL A 8 -7.46 7.76 11.51
C VAL A 8 -7.56 9.27 11.34
N GLY A 9 -8.38 9.92 12.16
CA GLY A 9 -8.65 11.35 12.02
C GLY A 9 -7.39 12.18 11.88
N GLY A 10 -7.41 13.10 10.94
CA GLY A 10 -6.24 13.90 10.64
C GLY A 10 -5.61 13.47 9.33
N LEU A 11 -5.66 12.18 9.09
CA LEU A 11 -5.21 11.59 7.84
C LEU A 11 -6.40 11.10 7.06
N LYS A 12 -6.20 10.74 5.81
CA LYS A 12 -7.27 10.17 5.01
C LYS A 12 -6.71 9.09 4.10
N LEU A 13 -7.54 8.08 3.83
CA LEU A 13 -7.15 6.95 3.03
C LEU A 13 -8.39 6.39 2.36
N THR A 14 -8.28 6.04 1.10
CA THR A 14 -9.44 5.64 0.32
C THR A 14 -9.04 4.62 -0.73
N ILE A 15 -9.73 3.50 -0.73
CA ILE A 15 -9.51 2.47 -1.71
C ILE A 15 -10.67 2.43 -2.67
N THR A 16 -10.43 2.08 -3.91
CA THR A 16 -11.47 2.02 -4.92
C THR A 16 -11.05 1.05 -6.02
N GLN A 17 -12.02 0.36 -6.62
CA GLN A 17 -11.70 -0.64 -7.62
C GLN A 17 -12.71 -0.65 -8.75
N GLU A 18 -12.20 -0.53 -9.97
CA GLU A 18 -13.00 -0.66 -11.17
C GLU A 18 -12.93 -2.10 -11.67
N GLY A 19 -13.82 -2.94 -11.16
CA GLY A 19 -13.70 -4.36 -11.39
C GLY A 19 -12.59 -4.94 -10.55
N ASN A 20 -11.48 -5.28 -11.19
CA ASN A 20 -10.27 -5.60 -10.46
C ASN A 20 -9.17 -4.65 -10.87
N LYS A 21 -9.04 -3.60 -10.07
CA LYS A 21 -8.02 -2.56 -10.22
C LYS A 21 -8.04 -1.77 -8.93
N PHE A 22 -7.08 -1.97 -8.06
CA PHE A 22 -7.17 -1.36 -6.74
C PHE A 22 -6.24 -0.17 -6.62
N THR A 23 -6.82 0.97 -6.31
CA THR A 23 -6.04 2.17 -6.09
C THR A 23 -6.17 2.58 -4.63
N VAL A 24 -5.07 3.01 -4.04
CA VAL A 24 -5.04 3.39 -2.65
C VAL A 24 -4.67 4.85 -2.51
N LYS A 25 -5.49 5.60 -1.78
CA LYS A 25 -5.28 7.02 -1.58
C LYS A 25 -4.69 7.24 -0.19
N GLU A 26 -3.42 7.58 -0.15
CA GLU A 26 -2.73 7.72 1.12
C GLU A 26 -2.37 9.17 1.42
N SER A 27 -2.92 9.67 2.53
CA SER A 27 -2.51 10.95 3.06
C SER A 27 -2.07 10.77 4.49
N SER A 28 -0.80 11.02 4.76
CA SER A 28 -0.25 10.84 6.09
C SER A 28 0.95 11.77 6.28
N ASN A 29 1.07 12.31 7.49
CA ASN A 29 2.13 13.25 7.85
C ASN A 29 2.00 14.57 7.11
N PHE A 30 2.29 14.58 5.80
CA PHE A 30 2.18 15.79 5.01
C PHE A 30 2.37 15.47 3.52
N ARG A 31 1.69 14.45 3.04
CA ARG A 31 1.70 14.14 1.62
C ARG A 31 0.58 13.16 1.27
N ASN A 32 -0.14 13.46 0.20
CA ASN A 32 -1.19 12.60 -0.29
C ASN A 32 -0.75 11.98 -1.62
N ILE A 33 -0.80 10.67 -1.69
CA ILE A 33 -0.30 9.95 -2.85
C ILE A 33 -1.13 8.69 -3.11
N ASP A 34 -1.48 8.47 -4.37
CA ASP A 34 -2.29 7.30 -4.73
C ASP A 34 -1.43 6.25 -5.39
N VAL A 35 -1.70 5.00 -5.07
CA VAL A 35 -1.00 3.88 -5.68
C VAL A 35 -2.00 2.88 -6.25
N VAL A 36 -1.97 2.68 -7.55
CA VAL A 36 -2.89 1.76 -8.20
C VAL A 36 -2.16 0.46 -8.57
N PHE A 37 -2.84 -0.66 -8.37
CA PHE A 37 -2.26 -1.97 -8.62
C PHE A 37 -3.32 -2.98 -8.99
N GLU A 38 -2.94 -3.90 -9.86
CA GLU A 38 -3.82 -4.95 -10.32
C GLU A 38 -3.45 -6.25 -9.62
N LEU A 39 -4.45 -7.06 -9.31
CA LEU A 39 -4.23 -8.26 -8.51
C LEU A 39 -3.30 -9.24 -9.23
N GLY A 40 -2.11 -9.43 -8.66
CA GLY A 40 -1.13 -10.34 -9.22
C GLY A 40 -0.44 -9.79 -10.44
N VAL A 41 -0.16 -8.49 -10.43
CA VAL A 41 0.51 -7.85 -11.55
C VAL A 41 1.75 -7.10 -11.08
N ASP A 42 2.79 -7.09 -11.92
CA ASP A 42 4.05 -6.43 -11.60
C ASP A 42 4.14 -5.09 -12.30
N PHE A 43 4.64 -4.10 -11.59
CA PHE A 43 4.65 -2.73 -12.08
C PHE A 43 5.70 -1.89 -11.38
N ALA A 44 6.23 -0.91 -12.10
CA ALA A 44 7.23 -0.01 -11.57
C ALA A 44 6.66 1.40 -11.47
N TYR A 45 7.00 2.11 -10.42
CA TYR A 45 6.44 3.43 -10.18
C TYR A 45 7.35 4.25 -9.28
N SER A 46 7.33 5.55 -9.47
CA SER A 46 8.04 6.46 -8.61
C SER A 46 7.04 7.18 -7.70
N LEU A 47 7.28 7.11 -6.40
CA LEU A 47 6.45 7.80 -5.44
C LEU A 47 7.15 9.04 -4.90
N ALA A 48 6.50 10.19 -5.05
CA ALA A 48 7.02 11.47 -4.58
C ALA A 48 8.41 11.76 -5.16
N ASP A 49 8.61 11.32 -6.41
CA ASP A 49 9.86 11.53 -7.13
C ASP A 49 11.07 11.11 -6.28
N GLY A 50 11.01 9.90 -5.75
CA GLY A 50 12.09 9.45 -4.89
C GLY A 50 12.15 7.94 -4.79
N THR A 51 11.07 7.31 -4.38
CA THR A 51 11.04 5.87 -4.30
C THR A 51 10.56 5.28 -5.62
N GLU A 52 11.43 4.57 -6.30
CA GLU A 52 11.04 3.94 -7.55
C GLU A 52 11.01 2.45 -7.35
N LEU A 53 9.81 1.94 -7.07
CA LEU A 53 9.67 0.54 -6.72
C LEU A 53 9.09 -0.26 -7.89
N THR A 54 9.81 -1.29 -8.28
CA THR A 54 9.33 -2.24 -9.28
C THR A 54 8.94 -3.54 -8.60
N GLY A 55 7.66 -3.91 -8.66
CA GLY A 55 7.25 -5.11 -7.96
C GLY A 55 5.87 -5.59 -8.35
N THR A 56 5.57 -6.82 -7.96
CA THR A 56 4.25 -7.40 -8.19
C THR A 56 3.47 -7.43 -6.88
N TRP A 57 2.18 -7.09 -6.98
CA TRP A 57 1.31 -7.06 -5.80
C TRP A 57 0.19 -8.08 -5.98
N THR A 58 0.03 -8.97 -5.00
CA THR A 58 -1.03 -9.95 -5.07
C THR A 58 -2.03 -9.70 -3.94
N MET A 59 -3.30 -9.76 -4.28
CA MET A 59 -4.34 -9.62 -3.28
C MET A 59 -5.16 -10.87 -3.17
N GLU A 60 -5.21 -11.36 -1.96
CA GLU A 60 -6.16 -12.36 -1.58
C GLU A 60 -7.25 -11.62 -0.82
N GLY A 61 -8.45 -12.17 -0.83
CA GLY A 61 -9.63 -11.50 -0.29
C GLY A 61 -9.37 -10.66 0.96
N ASN A 62 -8.48 -11.14 1.81
CA ASN A 62 -8.11 -10.40 2.99
C ASN A 62 -6.60 -10.48 3.23
N LYS A 63 -5.84 -10.50 2.14
CA LYS A 63 -4.38 -10.58 2.23
C LYS A 63 -3.74 -9.73 1.14
N LEU A 64 -2.90 -8.81 1.54
CA LEU A 64 -2.13 -7.98 0.62
C LEU A 64 -0.66 -8.33 0.74
N VAL A 65 -0.09 -8.90 -0.31
CA VAL A 65 1.29 -9.35 -0.29
C VAL A 65 1.97 -9.03 -1.61
N GLY A 66 3.21 -8.56 -1.55
CA GLY A 66 3.94 -8.29 -2.76
C GLY A 66 5.44 -8.24 -2.52
N LYS A 67 6.15 -7.58 -3.42
CA LYS A 67 7.58 -7.43 -3.31
C LYS A 67 8.02 -6.34 -4.28
N PHE A 68 8.69 -5.32 -3.77
CA PHE A 68 9.06 -4.18 -4.61
C PHE A 68 10.52 -3.81 -4.41
N LYS A 69 11.15 -3.39 -5.49
CA LYS A 69 12.56 -3.06 -5.47
C LYS A 69 12.74 -1.55 -5.65
N ARG A 70 13.43 -0.92 -4.70
CA ARG A 70 13.75 0.50 -4.80
C ARG A 70 15.26 0.68 -4.83
N VAL A 71 15.80 0.87 -6.01
CA VAL A 71 17.25 0.98 -6.19
C VAL A 71 17.83 2.18 -5.44
N ASP A 72 17.07 3.26 -5.33
CA ASP A 72 17.55 4.48 -4.69
C ASP A 72 17.52 4.39 -3.16
N ASN A 73 17.88 3.24 -2.62
CA ASN A 73 17.97 3.09 -1.17
C ASN A 73 18.60 1.76 -0.78
N GLY A 74 17.95 0.66 -1.14
CA GLY A 74 18.49 -0.64 -0.81
C GLY A 74 17.79 -1.75 -1.56
N LYS A 75 17.42 -1.44 -2.80
CA LYS A 75 16.84 -2.38 -3.78
C LYS A 75 15.79 -3.35 -3.21
N GLU A 76 15.17 -3.02 -2.08
CA GLU A 76 14.09 -3.87 -1.54
C GLU A 76 13.28 -3.14 -0.47
N LEU A 77 12.09 -2.73 -0.86
CA LEU A 77 11.11 -2.21 0.07
C LEU A 77 9.75 -2.83 -0.26
N ILE A 78 9.20 -3.55 0.71
CA ILE A 78 8.00 -4.35 0.47
C ILE A 78 6.88 -3.96 1.42
N ALA A 79 5.66 -3.90 0.90
CA ALA A 79 4.49 -3.67 1.73
C ALA A 79 3.65 -4.95 1.80
N VAL A 80 3.36 -5.41 3.00
CA VAL A 80 2.59 -6.64 3.21
C VAL A 80 1.63 -6.45 4.38
N ARG A 81 0.37 -6.81 4.19
CA ARG A 81 -0.62 -6.69 5.24
C ARG A 81 -1.90 -7.47 4.95
N GLU A 82 -2.49 -8.01 6.00
CA GLU A 82 -3.80 -8.63 5.91
C GLU A 82 -4.85 -7.72 6.53
N ILE A 83 -6.11 -7.96 6.22
CA ILE A 83 -7.19 -7.12 6.73
C ILE A 83 -7.89 -7.83 7.89
N SER A 84 -7.91 -7.20 9.04
CA SER A 84 -8.52 -7.79 10.22
C SER A 84 -9.75 -6.99 10.65
N GLY A 85 -10.92 -7.63 10.67
CA GLY A 85 -12.16 -6.92 10.98
C GLY A 85 -12.39 -5.77 10.03
N ASN A 86 -12.68 -4.59 10.58
CA ASN A 86 -12.65 -3.39 9.76
C ASN A 86 -11.51 -2.51 10.23
N GLU A 87 -10.38 -2.65 9.56
CA GLU A 87 -9.21 -1.83 9.80
C GLU A 87 -8.21 -2.11 8.70
N LEU A 88 -7.21 -1.27 8.58
CA LEU A 88 -6.11 -1.55 7.70
C LEU A 88 -4.81 -1.14 8.36
N ILE A 89 -3.89 -2.07 8.40
CA ILE A 89 -2.55 -1.79 8.85
C ILE A 89 -1.65 -1.74 7.63
N GLN A 90 -0.48 -1.16 7.74
CA GLN A 90 0.39 -1.06 6.57
C GLN A 90 1.83 -1.24 6.99
N THR A 91 2.46 -2.31 6.50
CA THR A 91 3.83 -2.63 6.87
C THR A 91 4.78 -2.39 5.71
N TYR A 92 5.79 -1.58 5.96
CA TYR A 92 6.86 -1.41 5.00
C TYR A 92 8.08 -2.18 5.48
N THR A 93 8.41 -3.24 4.79
CA THR A 93 9.55 -4.07 5.14
C THR A 93 10.72 -3.79 4.20
N TYR A 94 11.79 -3.25 4.76
CA TYR A 94 12.97 -2.94 4.00
C TYR A 94 14.18 -3.70 4.53
N GLU A 95 14.82 -4.44 3.63
CA GLU A 95 15.99 -5.28 3.96
C GLU A 95 15.61 -6.43 4.89
N GLY A 96 15.27 -6.11 6.13
CA GLY A 96 14.83 -7.13 7.07
C GLY A 96 14.27 -6.51 8.33
N VAL A 97 13.63 -5.35 8.18
CA VAL A 97 13.00 -4.66 9.29
C VAL A 97 11.58 -4.28 8.92
N GLU A 98 10.64 -4.60 9.78
CA GLU A 98 9.25 -4.31 9.51
C GLU A 98 8.79 -3.10 10.33
N ALA A 99 8.29 -2.09 9.63
CA ALA A 99 7.68 -0.94 10.27
C ALA A 99 6.25 -0.79 9.78
N LYS A 100 5.32 -0.60 10.69
CA LYS A 100 3.91 -0.58 10.31
C LYS A 100 3.14 0.47 11.08
N ARG A 101 2.27 1.18 10.36
CA ARG A 101 1.40 2.15 10.98
C ARG A 101 -0.02 1.57 11.05
N ILE A 102 -0.74 1.93 12.10
CA ILE A 102 -2.05 1.34 12.36
C ILE A 102 -3.17 2.30 11.96
N PHE A 103 -4.11 1.78 11.18
CA PHE A 103 -5.28 2.55 10.75
C PHE A 103 -6.52 1.68 10.91
N LYS A 104 -7.69 2.30 10.83
CA LYS A 104 -8.95 1.57 10.95
C LYS A 104 -9.97 2.14 9.99
N LYS A 105 -11.00 1.36 9.67
CA LYS A 105 -12.06 1.83 8.79
C LYS A 105 -12.70 3.09 9.36
N GLU A 106 -12.92 4.08 8.51
CA GLU A 106 -13.53 5.33 8.96
C GLU A 106 -15.02 5.11 9.17
N ALA A 1 -16.01 -5.43 -2.38
CA ALA A 1 -14.70 -5.44 -1.67
C ALA A 1 -14.56 -4.17 -0.83
N PHE A 2 -13.44 -3.46 -1.01
CA PHE A 2 -13.20 -2.21 -0.30
C PHE A 2 -14.06 -1.08 -0.88
N ASP A 3 -13.42 -0.18 -1.63
CA ASP A 3 -14.08 1.00 -2.16
C ASP A 3 -14.60 1.85 -1.00
N GLY A 4 -13.66 2.26 -0.17
CA GLY A 4 -13.99 2.93 1.06
C GLY A 4 -12.77 3.60 1.66
N THR A 5 -12.99 4.45 2.64
CA THR A 5 -11.89 5.17 3.27
C THR A 5 -11.55 4.52 4.60
N TRP A 6 -10.28 4.21 4.81
CA TRP A 6 -9.82 3.59 6.04
C TRP A 6 -8.61 4.35 6.55
N LYS A 7 -8.81 5.21 7.55
CA LYS A 7 -7.70 6.00 8.08
C LYS A 7 -8.09 6.70 9.38
N VAL A 8 -7.07 7.22 10.08
CA VAL A 8 -7.27 7.81 11.40
C VAL A 8 -7.04 9.33 11.39
N GLY A 9 -8.08 10.08 11.77
CA GLY A 9 -7.93 11.50 12.04
C GLY A 9 -7.41 12.31 10.87
N GLY A 10 -6.31 13.02 11.12
CA GLY A 10 -5.76 13.97 10.18
C GLY A 10 -5.25 13.35 8.90
N LEU A 11 -4.98 12.06 8.93
CA LEU A 11 -4.53 11.36 7.74
C LEU A 11 -5.67 10.56 7.14
N LYS A 12 -5.64 10.41 5.82
CA LYS A 12 -6.75 9.82 5.07
C LYS A 12 -6.25 8.75 4.12
N LEU A 13 -7.13 7.81 3.79
CA LEU A 13 -6.77 6.67 2.97
C LEU A 13 -8.02 6.13 2.29
N THR A 14 -7.92 5.85 1.01
CA THR A 14 -9.04 5.36 0.24
C THR A 14 -8.56 4.32 -0.76
N ILE A 15 -9.20 3.16 -0.76
CA ILE A 15 -8.81 2.09 -1.67
C ILE A 15 -9.95 1.80 -2.64
N THR A 16 -9.79 2.25 -3.87
CA THR A 16 -10.83 2.09 -4.86
C THR A 16 -10.45 1.01 -5.87
N GLN A 17 -11.43 0.30 -6.41
CA GLN A 17 -11.17 -0.74 -7.39
C GLN A 17 -12.31 -0.88 -8.38
N GLU A 18 -11.95 -0.95 -9.65
CA GLU A 18 -12.91 -1.21 -10.71
C GLU A 18 -12.70 -2.63 -11.24
N GLY A 19 -13.44 -3.57 -10.68
CA GLY A 19 -13.20 -4.97 -10.98
C GLY A 19 -11.93 -5.46 -10.30
N ASN A 20 -10.86 -5.54 -11.08
CA ASN A 20 -9.55 -5.79 -10.50
C ASN A 20 -8.61 -4.69 -10.92
N LYS A 21 -8.50 -3.70 -10.04
CA LYS A 21 -7.56 -2.60 -10.18
C LYS A 21 -7.60 -1.82 -8.89
N PHE A 22 -6.61 -1.97 -8.04
CA PHE A 22 -6.65 -1.36 -6.73
C PHE A 22 -5.74 -0.15 -6.66
N THR A 23 -6.28 0.92 -6.10
CA THR A 23 -5.51 2.13 -5.91
C THR A 23 -5.62 2.57 -4.45
N VAL A 24 -4.47 2.85 -3.84
CA VAL A 24 -4.44 3.25 -2.45
C VAL A 24 -4.13 4.73 -2.34
N LYS A 25 -4.90 5.43 -1.54
CA LYS A 25 -4.73 6.86 -1.38
C LYS A 25 -3.99 7.14 -0.08
N GLU A 26 -2.77 7.62 -0.20
CA GLU A 26 -1.95 7.88 0.95
C GLU A 26 -1.87 9.37 1.23
N SER A 27 -1.84 9.70 2.52
CA SER A 27 -1.79 11.08 2.98
C SER A 27 -1.17 11.14 4.36
N SER A 28 -0.22 12.05 4.53
CA SER A 28 0.46 12.22 5.81
C SER A 28 1.12 13.59 5.88
N ASN A 29 0.74 14.37 6.89
CA ASN A 29 1.32 15.69 7.17
C ASN A 29 1.04 16.72 6.07
N PHE A 30 1.64 16.53 4.89
CA PHE A 30 1.50 17.50 3.80
C PHE A 30 1.89 16.89 2.45
N ARG A 31 1.25 15.80 2.09
CA ARG A 31 1.42 15.21 0.77
C ARG A 31 0.30 14.22 0.47
N ASN A 32 -0.11 14.19 -0.79
CA ASN A 32 -1.21 13.33 -1.21
C ASN A 32 -0.82 12.56 -2.47
N ILE A 33 -0.95 11.24 -2.44
CA ILE A 33 -0.51 10.41 -3.55
C ILE A 33 -1.28 9.10 -3.62
N ASP A 34 -1.59 8.66 -4.83
CA ASP A 34 -2.29 7.40 -5.05
C ASP A 34 -1.32 6.34 -5.57
N VAL A 35 -1.48 5.12 -5.11
CA VAL A 35 -0.74 4.00 -5.67
C VAL A 35 -1.71 3.13 -6.46
N VAL A 36 -1.37 2.79 -7.69
CA VAL A 36 -2.27 2.01 -8.52
C VAL A 36 -1.62 0.70 -8.92
N PHE A 37 -2.38 -0.39 -8.81
CA PHE A 37 -1.85 -1.71 -9.10
C PHE A 37 -2.97 -2.71 -9.35
N GLU A 38 -2.73 -3.61 -10.29
CA GLU A 38 -3.68 -4.66 -10.59
C GLU A 38 -3.18 -5.97 -9.99
N LEU A 39 -4.11 -6.81 -9.60
CA LEU A 39 -3.78 -8.05 -8.91
C LEU A 39 -2.92 -8.96 -9.78
N GLY A 40 -1.71 -9.26 -9.29
CA GLY A 40 -0.81 -10.13 -10.01
C GLY A 40 -0.12 -9.43 -11.16
N VAL A 41 0.25 -8.17 -10.96
CA VAL A 41 0.95 -7.40 -11.97
C VAL A 41 2.25 -6.84 -11.40
N ASP A 42 3.32 -6.99 -12.16
CA ASP A 42 4.64 -6.49 -11.79
C ASP A 42 4.94 -5.23 -12.58
N PHE A 43 5.36 -4.19 -11.90
CA PHE A 43 5.51 -2.89 -12.54
C PHE A 43 6.50 -2.01 -11.79
N ALA A 44 7.02 -1.01 -12.48
CA ALA A 44 7.89 -0.01 -11.86
C ALA A 44 7.12 1.28 -11.65
N TYR A 45 7.29 1.88 -10.49
CA TYR A 45 6.51 3.06 -10.15
C TYR A 45 7.32 4.02 -9.30
N SER A 46 7.30 5.28 -9.68
CA SER A 46 7.95 6.32 -8.91
C SER A 46 6.89 7.09 -8.13
N LEU A 47 7.04 7.13 -6.82
CA LEU A 47 6.08 7.79 -5.96
C LEU A 47 6.66 9.08 -5.41
N ALA A 48 5.96 10.18 -5.64
CA ALA A 48 6.36 11.51 -5.17
C ALA A 48 7.78 11.86 -5.62
N ASP A 49 8.15 11.37 -6.81
CA ASP A 49 9.46 11.63 -7.38
C ASP A 49 10.57 11.26 -6.39
N GLY A 50 10.38 10.16 -5.68
CA GLY A 50 11.36 9.75 -4.69
C GLY A 50 11.49 8.24 -4.60
N THR A 51 10.47 7.59 -4.08
CA THR A 51 10.51 6.13 -3.96
C THR A 51 10.32 5.50 -5.34
N GLU A 52 11.23 4.63 -5.73
CA GLU A 52 11.16 3.98 -7.02
C GLU A 52 11.04 2.48 -6.83
N LEU A 53 9.81 2.04 -6.76
CA LEU A 53 9.52 0.64 -6.47
C LEU A 53 9.12 -0.11 -7.73
N THR A 54 9.84 -1.18 -8.01
CA THR A 54 9.49 -2.08 -9.09
C THR A 54 9.07 -3.41 -8.49
N GLY A 55 7.80 -3.76 -8.57
CA GLY A 55 7.35 -4.95 -7.88
C GLY A 55 5.98 -5.42 -8.30
N THR A 56 5.67 -6.65 -7.90
CA THR A 56 4.36 -7.23 -8.15
C THR A 56 3.52 -7.25 -6.87
N TRP A 57 2.22 -7.04 -7.02
CA TRP A 57 1.30 -7.01 -5.88
C TRP A 57 0.16 -8.00 -6.07
N THR A 58 -0.19 -8.72 -5.01
CA THR A 58 -1.32 -9.63 -5.06
C THR A 58 -2.18 -9.51 -3.82
N MET A 59 -3.48 -9.40 -4.01
CA MET A 59 -4.41 -9.40 -2.90
C MET A 59 -5.30 -10.63 -2.99
N GLU A 60 -5.06 -11.58 -2.12
CA GLU A 60 -5.84 -12.80 -2.10
C GLU A 60 -6.82 -12.75 -0.94
N GLY A 61 -8.08 -12.52 -1.26
CA GLY A 61 -9.07 -12.26 -0.23
C GLY A 61 -8.83 -10.92 0.43
N ASN A 62 -8.63 -10.95 1.74
CA ASN A 62 -8.27 -9.77 2.49
C ASN A 62 -6.83 -9.86 2.95
N LYS A 63 -5.97 -10.29 2.04
CA LYS A 63 -4.55 -10.44 2.32
C LYS A 63 -3.75 -9.68 1.29
N LEU A 64 -2.91 -8.79 1.77
CA LEU A 64 -2.11 -7.93 0.92
C LEU A 64 -0.64 -8.32 1.02
N VAL A 65 -0.13 -8.97 -0.02
CA VAL A 65 1.24 -9.47 -0.01
C VAL A 65 1.87 -9.29 -1.39
N GLY A 66 3.15 -8.92 -1.41
CA GLY A 66 3.87 -8.80 -2.65
C GLY A 66 5.34 -8.57 -2.41
N LYS A 67 5.98 -7.87 -3.33
CA LYS A 67 7.38 -7.50 -3.19
C LYS A 67 7.71 -6.39 -4.17
N PHE A 68 8.24 -5.29 -3.66
CA PHE A 68 8.61 -4.16 -4.49
C PHE A 68 10.08 -3.82 -4.28
N LYS A 69 10.73 -3.45 -5.36
CA LYS A 69 12.15 -3.20 -5.34
C LYS A 69 12.41 -1.70 -5.34
N ARG A 70 12.82 -1.20 -4.19
CA ARG A 70 13.13 0.21 -4.02
C ARG A 70 14.56 0.48 -4.44
N VAL A 71 14.79 0.51 -5.73
CA VAL A 71 16.14 0.65 -6.27
C VAL A 71 16.77 1.97 -5.84
N ASP A 72 15.95 3.00 -5.75
CA ASP A 72 16.38 4.32 -5.33
C ASP A 72 17.05 4.28 -3.95
N ASN A 73 16.46 3.54 -3.03
CA ASN A 73 16.95 3.52 -1.65
C ASN A 73 17.88 2.33 -1.43
N GLY A 74 17.50 1.16 -1.91
CA GLY A 74 18.32 -0.02 -1.68
C GLY A 74 17.99 -1.16 -2.63
N LYS A 75 16.90 -1.88 -2.37
CA LYS A 75 16.55 -3.02 -3.21
C LYS A 75 15.14 -3.55 -2.96
N GLU A 76 14.60 -3.35 -1.76
CA GLU A 76 13.30 -3.92 -1.43
C GLU A 76 12.55 -3.06 -0.43
N LEU A 77 11.42 -2.55 -0.88
CA LEU A 77 10.50 -1.89 0.03
C LEU A 77 9.12 -2.50 -0.17
N ILE A 78 8.72 -3.32 0.78
CA ILE A 78 7.55 -4.15 0.63
C ILE A 78 6.47 -3.74 1.63
N ALA A 79 5.21 -3.92 1.25
CA ALA A 79 4.11 -3.69 2.17
C ALA A 79 3.25 -4.95 2.22
N VAL A 80 3.14 -5.52 3.41
CA VAL A 80 2.43 -6.78 3.58
C VAL A 80 1.53 -6.73 4.80
N ARG A 81 0.24 -6.98 4.61
CA ARG A 81 -0.68 -7.01 5.72
C ARG A 81 -2.00 -7.65 5.34
N GLU A 82 -2.70 -8.19 6.32
CA GLU A 82 -4.02 -8.76 6.12
C GLU A 82 -5.06 -7.87 6.80
N ILE A 83 -6.31 -8.04 6.43
CA ILE A 83 -7.38 -7.21 6.96
C ILE A 83 -8.11 -7.97 8.06
N SER A 84 -8.20 -7.40 9.24
CA SER A 84 -8.90 -8.04 10.34
C SER A 84 -10.14 -7.22 10.72
N GLY A 85 -11.29 -7.88 10.79
CA GLY A 85 -12.54 -7.16 11.05
C GLY A 85 -12.77 -6.09 10.02
N ASN A 86 -12.74 -4.84 10.47
CA ASN A 86 -12.56 -3.75 9.53
C ASN A 86 -11.60 -2.72 10.11
N GLU A 87 -10.34 -2.90 9.75
CA GLU A 87 -9.27 -2.00 10.11
C GLU A 87 -8.04 -2.41 9.31
N LEU A 88 -7.27 -1.44 8.85
CA LEU A 88 -6.10 -1.74 8.07
C LEU A 88 -4.83 -1.37 8.82
N ILE A 89 -3.95 -2.34 8.96
CA ILE A 89 -2.62 -2.10 9.45
C ILE A 89 -1.68 -2.16 8.26
N GLN A 90 -0.61 -1.40 8.28
CA GLN A 90 0.27 -1.35 7.13
C GLN A 90 1.71 -1.54 7.56
N THR A 91 2.33 -2.60 7.06
CA THR A 91 3.71 -2.90 7.38
C THR A 91 4.62 -2.58 6.20
N TYR A 92 5.64 -1.78 6.46
CA TYR A 92 6.65 -1.49 5.47
C TYR A 92 7.90 -2.28 5.79
N THR A 93 8.20 -3.25 4.95
CA THR A 93 9.36 -4.09 5.11
C THR A 93 10.44 -3.71 4.11
N TYR A 94 11.47 -3.02 4.58
CA TYR A 94 12.55 -2.58 3.72
C TYR A 94 13.79 -3.43 3.93
N GLU A 95 14.17 -4.15 2.88
CA GLU A 95 15.36 -5.01 2.86
C GLU A 95 15.24 -6.18 3.83
N GLY A 96 15.13 -5.90 5.11
CA GLY A 96 14.98 -6.95 6.11
C GLY A 96 14.54 -6.41 7.45
N VAL A 97 13.69 -5.38 7.43
CA VAL A 97 13.11 -4.82 8.65
C VAL A 97 11.67 -4.42 8.37
N GLU A 98 10.79 -4.66 9.33
CA GLU A 98 9.38 -4.34 9.16
C GLU A 98 8.88 -3.40 10.25
N ALA A 99 8.03 -2.47 9.84
CA ALA A 99 7.44 -1.50 10.74
C ALA A 99 5.99 -1.27 10.33
N LYS A 100 5.09 -1.37 11.28
CA LYS A 100 3.67 -1.30 10.95
C LYS A 100 2.97 -0.17 11.69
N ARG A 101 2.06 0.48 10.99
CA ARG A 101 1.20 1.49 11.59
C ARG A 101 -0.24 1.02 11.49
N ILE A 102 -1.01 1.25 12.54
CA ILE A 102 -2.36 0.72 12.62
C ILE A 102 -3.41 1.77 12.30
N PHE A 103 -4.27 1.46 11.35
CA PHE A 103 -5.36 2.34 10.96
C PHE A 103 -6.68 1.58 11.02
N LYS A 104 -7.78 2.30 10.96
CA LYS A 104 -9.09 1.69 11.03
C LYS A 104 -9.98 2.21 9.92
N LYS A 105 -11.11 1.54 9.67
CA LYS A 105 -12.04 1.98 8.65
C LYS A 105 -12.63 3.34 9.05
N GLU A 106 -12.57 4.30 8.14
CA GLU A 106 -13.05 5.64 8.41
C GLU A 106 -14.55 5.71 8.20
N ALA A 1 -15.01 -5.97 1.28
CA ALA A 1 -14.96 -5.03 0.14
C ALA A 1 -14.55 -3.64 0.62
N PHE A 2 -13.64 -3.02 -0.11
CA PHE A 2 -13.17 -1.69 0.24
C PHE A 2 -14.05 -0.61 -0.40
N ASP A 3 -13.46 0.15 -1.32
CA ASP A 3 -14.11 1.29 -1.95
C ASP A 3 -14.58 2.27 -0.87
N GLY A 4 -13.62 2.69 -0.06
CA GLY A 4 -13.93 3.50 1.10
C GLY A 4 -12.68 4.13 1.67
N THR A 5 -12.85 5.09 2.56
CA THR A 5 -11.73 5.77 3.17
C THR A 5 -11.49 5.21 4.57
N TRP A 6 -10.27 4.75 4.81
CA TRP A 6 -9.91 4.12 6.08
C TRP A 6 -8.68 4.80 6.64
N LYS A 7 -8.84 5.65 7.64
CA LYS A 7 -7.71 6.41 8.16
C LYS A 7 -8.02 7.08 9.50
N VAL A 8 -6.97 7.60 10.13
CA VAL A 8 -7.08 8.28 11.40
C VAL A 8 -7.07 9.80 11.16
N GLY A 9 -7.82 10.53 11.99
CA GLY A 9 -8.02 11.96 11.79
C GLY A 9 -6.74 12.72 11.53
N GLY A 10 -6.78 13.60 10.55
CA GLY A 10 -5.60 14.33 10.13
C GLY A 10 -5.01 13.74 8.87
N LEU A 11 -5.08 12.43 8.78
CA LEU A 11 -4.63 11.71 7.60
C LEU A 11 -5.84 11.22 6.81
N LYS A 12 -5.62 10.84 5.57
CA LYS A 12 -6.68 10.27 4.75
C LYS A 12 -6.13 9.12 3.92
N LEU A 13 -6.99 8.15 3.66
CA LEU A 13 -6.60 6.95 2.93
C LEU A 13 -7.83 6.39 2.25
N THR A 14 -7.70 6.07 0.98
CA THR A 14 -8.82 5.60 0.20
C THR A 14 -8.39 4.47 -0.71
N ILE A 15 -9.10 3.36 -0.65
CA ILE A 15 -8.81 2.23 -1.51
C ILE A 15 -10.01 1.95 -2.39
N THR A 16 -9.80 2.01 -3.69
CA THR A 16 -10.87 1.83 -4.64
C THR A 16 -10.54 0.67 -5.58
N GLN A 17 -11.56 -0.10 -5.98
CA GLN A 17 -11.34 -1.21 -6.90
C GLN A 17 -12.51 -1.38 -7.86
N GLU A 18 -12.17 -1.64 -9.12
CA GLU A 18 -13.16 -1.92 -10.14
C GLU A 18 -13.51 -3.42 -10.13
N GLY A 19 -13.57 -4.06 -11.29
CA GLY A 19 -13.72 -5.50 -11.33
C GLY A 19 -12.49 -6.17 -10.76
N ASN A 20 -11.33 -5.61 -11.13
CA ASN A 20 -10.07 -5.93 -10.50
C ASN A 20 -9.07 -4.84 -10.85
N LYS A 21 -8.93 -3.89 -9.94
CA LYS A 21 -8.04 -2.73 -10.09
C LYS A 21 -7.96 -2.01 -8.76
N PHE A 22 -6.86 -2.15 -8.05
CA PHE A 22 -6.75 -1.55 -6.73
C PHE A 22 -5.89 -0.29 -6.75
N THR A 23 -6.36 0.73 -6.08
CA THR A 23 -5.61 1.96 -5.93
C THR A 23 -5.69 2.43 -4.48
N VAL A 24 -4.56 2.88 -3.94
CA VAL A 24 -4.49 3.28 -2.55
C VAL A 24 -4.08 4.73 -2.44
N LYS A 25 -4.86 5.50 -1.71
CA LYS A 25 -4.59 6.92 -1.55
C LYS A 25 -3.97 7.16 -0.18
N GLU A 26 -2.70 7.53 -0.19
CA GLU A 26 -1.96 7.72 1.04
C GLU A 26 -1.80 9.20 1.35
N SER A 27 -1.91 9.53 2.63
CA SER A 27 -1.71 10.89 3.11
C SER A 27 -1.37 10.82 4.59
N SER A 28 -0.15 11.23 4.94
CA SER A 28 0.30 11.14 6.32
C SER A 28 1.34 12.22 6.63
N ASN A 29 0.97 13.13 7.53
CA ASN A 29 1.86 14.17 8.07
C ASN A 29 2.27 15.20 7.00
N PHE A 30 2.81 14.71 5.90
CA PHE A 30 3.26 15.57 4.80
C PHE A 30 3.31 14.75 3.52
N ARG A 31 2.23 14.04 3.26
CA ARG A 31 2.21 13.08 2.16
C ARG A 31 0.88 13.12 1.43
N ASN A 32 0.96 12.96 0.11
CA ASN A 32 -0.22 12.88 -0.74
C ASN A 32 0.14 12.14 -2.02
N ILE A 33 -0.27 10.88 -2.09
CA ILE A 33 0.16 10.00 -3.17
C ILE A 33 -0.77 8.80 -3.32
N ASP A 34 -1.08 8.42 -4.56
CA ASP A 34 -1.88 7.24 -4.81
C ASP A 34 -1.03 6.15 -5.43
N VAL A 35 -1.28 4.92 -5.03
CA VAL A 35 -0.60 3.78 -5.61
C VAL A 35 -1.62 2.90 -6.32
N VAL A 36 -1.47 2.74 -7.62
CA VAL A 36 -2.42 1.98 -8.40
C VAL A 36 -1.78 0.69 -8.91
N PHE A 37 -2.50 -0.42 -8.78
CA PHE A 37 -1.97 -1.73 -9.11
C PHE A 37 -3.08 -2.74 -9.35
N GLU A 38 -2.82 -3.66 -10.28
CA GLU A 38 -3.75 -4.74 -10.54
C GLU A 38 -3.20 -6.03 -9.93
N LEU A 39 -4.10 -6.86 -9.44
CA LEU A 39 -3.70 -8.07 -8.70
C LEU A 39 -2.86 -9.00 -9.57
N GLY A 40 -1.68 -9.34 -9.06
CA GLY A 40 -0.79 -10.25 -9.77
C GLY A 40 -0.14 -9.62 -10.98
N VAL A 41 0.25 -8.35 -10.85
CA VAL A 41 0.93 -7.67 -11.93
C VAL A 41 2.15 -6.96 -11.38
N ASP A 42 3.18 -6.85 -12.20
CA ASP A 42 4.44 -6.23 -11.80
C ASP A 42 4.50 -4.82 -12.36
N PHE A 43 4.94 -3.87 -11.54
CA PHE A 43 4.95 -2.48 -11.93
C PHE A 43 6.30 -1.88 -11.62
N ALA A 44 6.71 -0.91 -12.42
CA ALA A 44 7.95 -0.20 -12.17
C ALA A 44 7.75 1.29 -12.45
N TYR A 45 7.72 2.08 -11.40
CA TYR A 45 7.44 3.50 -11.53
C TYR A 45 7.95 4.27 -10.33
N SER A 46 7.97 5.59 -10.45
CA SER A 46 8.47 6.43 -9.39
C SER A 46 7.31 7.01 -8.59
N LEU A 47 7.33 6.74 -7.30
CA LEU A 47 6.32 7.22 -6.38
C LEU A 47 6.85 8.39 -5.57
N ALA A 48 6.01 9.40 -5.39
CA ALA A 48 6.37 10.60 -4.66
C ALA A 48 7.63 11.26 -5.22
N ASP A 49 7.81 11.11 -6.53
CA ASP A 49 8.92 11.73 -7.26
C ASP A 49 10.27 11.38 -6.63
N GLY A 50 10.47 10.12 -6.28
CA GLY A 50 11.72 9.71 -5.67
C GLY A 50 11.88 8.21 -5.58
N THR A 51 10.95 7.54 -4.91
CA THR A 51 11.03 6.10 -4.76
C THR A 51 10.67 5.42 -6.09
N GLU A 52 11.62 4.71 -6.68
CA GLU A 52 11.36 4.02 -7.93
C GLU A 52 11.27 2.54 -7.66
N LEU A 53 10.04 2.07 -7.55
CA LEU A 53 9.80 0.72 -7.11
C LEU A 53 9.40 -0.18 -8.28
N THR A 54 10.09 -1.31 -8.39
CA THR A 54 9.71 -2.36 -9.32
C THR A 54 9.21 -3.57 -8.53
N GLY A 55 7.93 -3.86 -8.61
CA GLY A 55 7.40 -4.95 -7.83
C GLY A 55 6.01 -5.37 -8.24
N THR A 56 5.61 -6.53 -7.77
CA THR A 56 4.27 -7.04 -8.04
C THR A 56 3.44 -7.04 -6.77
N TRP A 57 2.14 -6.76 -6.92
CA TRP A 57 1.23 -6.77 -5.79
C TRP A 57 0.22 -7.90 -5.96
N THR A 58 -0.05 -8.62 -4.87
CA THR A 58 -1.00 -9.71 -4.90
C THR A 58 -1.87 -9.69 -3.65
N MET A 59 -3.17 -9.88 -3.83
CA MET A 59 -4.07 -9.99 -2.69
C MET A 59 -4.52 -11.43 -2.55
N GLU A 60 -4.11 -12.07 -1.48
CA GLU A 60 -4.52 -13.43 -1.20
C GLU A 60 -5.59 -13.41 -0.12
N GLY A 61 -6.83 -13.61 -0.51
CA GLY A 61 -7.93 -13.47 0.42
C GLY A 61 -8.04 -12.04 0.91
N ASN A 62 -7.89 -11.85 2.21
CA ASN A 62 -7.83 -10.52 2.80
C ASN A 62 -6.41 -10.19 3.22
N LYS A 63 -5.44 -10.58 2.40
CA LYS A 63 -4.05 -10.28 2.64
C LYS A 63 -3.50 -9.48 1.48
N LEU A 64 -2.83 -8.40 1.82
CA LEU A 64 -2.28 -7.49 0.85
C LEU A 64 -0.77 -7.58 0.87
N VAL A 65 -0.20 -8.10 -0.21
CA VAL A 65 1.24 -8.34 -0.26
C VAL A 65 1.82 -7.82 -1.56
N GLY A 66 2.79 -6.94 -1.44
CA GLY A 66 3.47 -6.42 -2.61
C GLY A 66 4.95 -6.25 -2.34
N LYS A 67 5.77 -6.91 -3.13
CA LYS A 67 7.21 -6.85 -2.96
C LYS A 67 7.81 -5.98 -4.03
N PHE A 68 8.19 -4.77 -3.66
CA PHE A 68 8.70 -3.82 -4.62
C PHE A 68 10.15 -3.51 -4.34
N LYS A 69 10.90 -3.21 -5.38
CA LYS A 69 12.31 -2.88 -5.24
C LYS A 69 12.52 -1.37 -5.38
N ARG A 70 12.95 -0.74 -4.30
CA ARG A 70 13.29 0.68 -4.32
C ARG A 70 14.73 0.81 -4.77
N VAL A 71 14.96 0.54 -6.06
CA VAL A 71 16.31 0.49 -6.64
C VAL A 71 17.08 1.78 -6.36
N ASP A 72 16.34 2.85 -6.17
CA ASP A 72 16.90 4.17 -5.88
C ASP A 72 17.80 4.17 -4.64
N ASN A 73 17.52 3.31 -3.65
CA ASN A 73 18.29 3.33 -2.41
C ASN A 73 17.96 2.14 -1.49
N GLY A 74 16.69 1.79 -1.43
CA GLY A 74 16.23 0.84 -0.43
C GLY A 74 16.42 -0.60 -0.82
N LYS A 75 16.51 -0.84 -2.11
CA LYS A 75 16.65 -2.19 -2.68
C LYS A 75 15.34 -2.98 -2.61
N GLU A 76 14.65 -2.91 -1.48
CA GLU A 76 13.41 -3.67 -1.31
C GLU A 76 12.47 -2.96 -0.35
N LEU A 77 11.40 -2.42 -0.89
CA LEU A 77 10.34 -1.82 -0.08
C LEU A 77 9.06 -2.60 -0.27
N ILE A 78 8.72 -3.39 0.74
CA ILE A 78 7.58 -4.28 0.67
C ILE A 78 6.45 -3.76 1.56
N ALA A 79 5.28 -3.57 0.98
CA ALA A 79 4.11 -3.21 1.78
C ALA A 79 3.21 -4.42 1.91
N VAL A 80 2.90 -4.77 3.16
CA VAL A 80 2.19 -6.01 3.43
C VAL A 80 1.24 -5.84 4.61
N ARG A 81 0.00 -6.27 4.44
CA ARG A 81 -0.93 -6.31 5.56
C ARG A 81 -2.18 -7.13 5.24
N GLU A 82 -2.77 -7.69 6.29
CA GLU A 82 -4.05 -8.37 6.17
C GLU A 82 -5.14 -7.47 6.76
N ILE A 83 -6.39 -7.77 6.45
CA ILE A 83 -7.49 -6.97 6.95
C ILE A 83 -8.15 -7.69 8.12
N SER A 84 -8.25 -7.01 9.25
CA SER A 84 -8.86 -7.60 10.44
C SER A 84 -10.26 -7.05 10.62
N GLY A 85 -11.28 -7.88 10.38
CA GLY A 85 -12.64 -7.39 10.37
C GLY A 85 -12.78 -6.29 9.33
N ASN A 86 -13.16 -5.10 9.77
CA ASN A 86 -13.00 -3.94 8.91
C ASN A 86 -12.15 -2.91 9.63
N GLU A 87 -10.87 -2.94 9.32
CA GLU A 87 -9.89 -1.97 9.79
C GLU A 87 -8.61 -2.20 9.03
N LEU A 88 -7.83 -1.18 8.79
CA LEU A 88 -6.62 -1.36 8.03
C LEU A 88 -5.39 -0.92 8.81
N ILE A 89 -4.47 -1.84 8.95
CA ILE A 89 -3.15 -1.54 9.44
C ILE A 89 -2.24 -1.59 8.22
N GLN A 90 -1.11 -0.92 8.24
CA GLN A 90 -0.24 -0.92 7.08
C GLN A 90 1.20 -1.12 7.50
N THR A 91 1.77 -2.25 7.07
CA THR A 91 3.15 -2.57 7.40
C THR A 91 4.06 -2.38 6.20
N TYR A 92 5.10 -1.63 6.39
CA TYR A 92 6.15 -1.54 5.41
C TYR A 92 7.34 -2.36 5.86
N THR A 93 7.64 -3.40 5.12
CA THR A 93 8.81 -4.20 5.39
C THR A 93 9.91 -3.77 4.42
N TYR A 94 10.85 -3.00 4.95
CA TYR A 94 11.86 -2.35 4.14
C TYR A 94 13.21 -2.97 4.42
N GLU A 95 13.85 -3.48 3.37
CA GLU A 95 15.13 -4.18 3.46
C GLU A 95 15.00 -5.51 4.21
N GLY A 96 14.61 -5.43 5.47
CA GLY A 96 14.36 -6.63 6.25
C GLY A 96 13.77 -6.32 7.61
N VAL A 97 13.08 -5.18 7.71
CA VAL A 97 12.43 -4.77 8.95
C VAL A 97 11.01 -4.31 8.68
N GLU A 98 10.10 -4.68 9.55
CA GLU A 98 8.69 -4.36 9.39
C GLU A 98 8.27 -3.25 10.35
N ALA A 99 7.54 -2.27 9.83
CA ALA A 99 6.99 -1.19 10.63
C ALA A 99 5.56 -0.94 10.21
N LYS A 100 4.65 -0.90 11.16
CA LYS A 100 3.24 -0.82 10.84
C LYS A 100 2.52 0.24 11.65
N ARG A 101 1.58 0.90 10.99
CA ARG A 101 0.75 1.90 11.64
C ARG A 101 -0.71 1.48 11.52
N ILE A 102 -1.51 1.73 12.55
CA ILE A 102 -2.87 1.23 12.58
C ILE A 102 -3.89 2.32 12.23
N PHE A 103 -4.83 1.96 11.36
CA PHE A 103 -5.88 2.84 10.92
C PHE A 103 -7.21 2.09 10.94
N LYS A 104 -8.31 2.81 10.83
CA LYS A 104 -9.62 2.18 10.88
C LYS A 104 -10.51 2.69 9.74
N LYS A 105 -11.50 1.89 9.39
CA LYS A 105 -12.46 2.27 8.37
C LYS A 105 -13.30 3.44 8.86
N GLU A 106 -13.19 4.58 8.20
CA GLU A 106 -13.90 5.77 8.60
C GLU A 106 -15.40 5.58 8.45
N ALA A 1 -8.10 -0.09 3.21
CA ALA A 1 -9.18 0.76 2.67
C ALA A 1 -9.65 0.21 1.35
N PHE A 2 -10.95 -0.05 1.18
CA PHE A 2 -11.44 -0.58 -0.07
C PHE A 2 -12.89 -0.18 -0.27
N ASP A 3 -13.12 0.50 -1.40
CA ASP A 3 -14.40 1.11 -1.74
C ASP A 3 -14.87 1.98 -0.58
N GLY A 4 -13.89 2.52 0.13
CA GLY A 4 -14.16 3.26 1.33
C GLY A 4 -12.91 3.99 1.80
N THR A 5 -13.09 4.88 2.74
CA THR A 5 -11.97 5.56 3.35
C THR A 5 -11.67 4.93 4.70
N TRP A 6 -10.46 4.48 4.88
CA TRP A 6 -10.07 3.82 6.13
C TRP A 6 -8.79 4.49 6.62
N LYS A 7 -8.90 5.34 7.64
CA LYS A 7 -7.75 6.05 8.16
C LYS A 7 -8.04 6.70 9.50
N VAL A 8 -6.99 7.19 10.15
CA VAL A 8 -7.10 7.82 11.45
C VAL A 8 -7.09 9.34 11.27
N GLY A 9 -7.83 10.04 12.14
CA GLY A 9 -8.05 11.48 11.99
C GLY A 9 -6.81 12.26 11.57
N GLY A 10 -6.99 13.12 10.58
CA GLY A 10 -5.87 13.88 10.04
C GLY A 10 -5.32 13.26 8.78
N LEU A 11 -5.35 11.94 8.72
CA LEU A 11 -4.89 11.20 7.55
C LEU A 11 -6.07 10.68 6.76
N LYS A 12 -5.82 10.24 5.54
CA LYS A 12 -6.86 9.69 4.69
C LYS A 12 -6.32 8.55 3.84
N LEU A 13 -7.18 7.59 3.54
CA LEU A 13 -6.81 6.42 2.75
C LEU A 13 -8.05 5.88 2.08
N THR A 14 -7.99 5.78 0.76
CA THR A 14 -9.12 5.34 -0.02
C THR A 14 -8.65 4.47 -1.18
N ILE A 15 -9.34 3.36 -1.41
CA ILE A 15 -9.05 2.50 -2.54
C ILE A 15 -10.33 2.22 -3.28
N THR A 16 -10.34 2.45 -4.58
CA THR A 16 -11.48 2.08 -5.39
C THR A 16 -11.06 0.96 -6.35
N GLN A 17 -11.88 -0.06 -6.39
CA GLN A 17 -11.54 -1.28 -7.10
C GLN A 17 -12.68 -1.71 -8.02
N GLU A 18 -12.33 -2.32 -9.14
CA GLU A 18 -13.33 -2.81 -10.08
C GLU A 18 -12.97 -4.22 -10.55
N GLY A 19 -13.55 -5.22 -9.88
CA GLY A 19 -13.21 -6.62 -10.14
C GLY A 19 -11.87 -6.97 -9.55
N ASN A 20 -10.82 -6.40 -10.15
CA ASN A 20 -9.48 -6.42 -9.58
C ASN A 20 -8.64 -5.36 -10.26
N LYS A 21 -8.55 -4.23 -9.57
CA LYS A 21 -7.71 -3.11 -9.96
C LYS A 21 -7.68 -2.14 -8.80
N PHE A 22 -6.60 -2.11 -8.07
CA PHE A 22 -6.55 -1.34 -6.85
C PHE A 22 -5.70 -0.09 -7.01
N THR A 23 -6.22 1.01 -6.50
CA THR A 23 -5.47 2.25 -6.45
C THR A 23 -5.53 2.79 -5.03
N VAL A 24 -4.38 3.13 -4.49
CA VAL A 24 -4.29 3.49 -3.09
C VAL A 24 -4.14 5.00 -2.95
N LYS A 25 -5.01 5.59 -2.15
CA LYS A 25 -4.88 6.99 -1.81
C LYS A 25 -4.30 7.08 -0.42
N GLU A 26 -3.01 7.39 -0.35
CA GLU A 26 -2.29 7.36 0.91
C GLU A 26 -1.88 8.76 1.33
N SER A 27 -2.05 9.04 2.61
CA SER A 27 -1.68 10.30 3.20
C SER A 27 -1.34 10.09 4.67
N SER A 28 -0.11 10.36 5.04
CA SER A 28 0.36 10.15 6.40
C SER A 28 1.51 11.10 6.71
N ASN A 29 1.55 11.58 7.95
CA ASN A 29 2.56 12.55 8.40
C ASN A 29 2.39 13.88 7.68
N PHE A 30 2.83 13.95 6.44
CA PHE A 30 2.63 15.14 5.61
C PHE A 30 3.06 14.88 4.16
N ARG A 31 2.45 13.88 3.54
CA ARG A 31 2.66 13.62 2.12
C ARG A 31 1.48 12.84 1.56
N ASN A 32 1.05 13.23 0.37
CA ASN A 32 -0.11 12.60 -0.27
C ASN A 32 0.32 11.94 -1.57
N ILE A 33 -0.13 10.72 -1.79
CA ILE A 33 0.30 9.95 -2.96
C ILE A 33 -0.69 8.83 -3.28
N ASP A 34 -0.85 8.53 -4.56
CA ASP A 34 -1.70 7.45 -4.99
C ASP A 34 -0.91 6.41 -5.77
N VAL A 35 -1.23 5.14 -5.54
CA VAL A 35 -0.56 4.05 -6.23
C VAL A 35 -1.60 3.12 -6.86
N VAL A 36 -1.64 3.10 -8.18
CA VAL A 36 -2.58 2.23 -8.90
C VAL A 36 -1.85 1.01 -9.47
N PHE A 37 -2.45 -0.15 -9.27
CA PHE A 37 -1.82 -1.42 -9.66
C PHE A 37 -2.89 -2.49 -9.94
N GLU A 38 -2.56 -3.40 -10.83
CA GLU A 38 -3.46 -4.47 -11.17
C GLU A 38 -2.98 -5.76 -10.49
N LEU A 39 -3.94 -6.54 -10.01
CA LEU A 39 -3.61 -7.71 -9.21
C LEU A 39 -2.80 -8.74 -10.00
N GLY A 40 -1.66 -9.12 -9.44
CA GLY A 40 -0.80 -10.08 -10.07
C GLY A 40 -0.03 -9.49 -11.24
N VAL A 41 0.25 -8.20 -11.18
CA VAL A 41 1.01 -7.55 -12.22
C VAL A 41 2.30 -6.97 -11.67
N ASP A 42 3.38 -7.11 -12.43
CA ASP A 42 4.67 -6.56 -12.04
C ASP A 42 4.94 -5.30 -12.84
N PHE A 43 5.47 -4.29 -12.19
CA PHE A 43 5.64 -2.98 -12.80
C PHE A 43 6.64 -2.14 -12.03
N ALA A 44 7.28 -1.22 -12.74
CA ALA A 44 8.15 -0.24 -12.11
C ALA A 44 7.43 1.09 -12.05
N TYR A 45 7.40 1.71 -10.88
CA TYR A 45 6.61 2.90 -10.68
C TYR A 45 7.34 3.91 -9.83
N SER A 46 7.29 5.17 -10.25
CA SER A 46 7.90 6.25 -9.50
C SER A 46 6.84 7.05 -8.76
N LEU A 47 7.06 7.26 -7.48
CA LEU A 47 6.14 8.02 -6.65
C LEU A 47 6.80 9.28 -6.12
N ALA A 48 6.06 10.39 -6.19
CA ALA A 48 6.54 11.70 -5.73
C ALA A 48 7.84 12.08 -6.42
N ASP A 49 8.01 11.60 -7.65
CA ASP A 49 9.20 11.85 -8.46
C ASP A 49 10.48 11.55 -7.68
N GLY A 50 10.45 10.46 -6.93
CA GLY A 50 11.59 10.12 -6.11
C GLY A 50 11.68 8.63 -5.80
N THR A 51 10.63 8.07 -5.22
CA THR A 51 10.65 6.65 -4.86
C THR A 51 10.43 5.82 -6.12
N GLU A 52 11.25 4.79 -6.32
CA GLU A 52 11.09 3.94 -7.49
C GLU A 52 10.93 2.50 -7.04
N LEU A 53 9.70 2.05 -6.99
CA LEU A 53 9.39 0.69 -6.59
C LEU A 53 9.03 -0.15 -7.80
N THR A 54 9.68 -1.29 -7.94
CA THR A 54 9.36 -2.24 -9.00
C THR A 54 8.92 -3.54 -8.36
N GLY A 55 7.65 -3.89 -8.50
CA GLY A 55 7.18 -5.06 -7.82
C GLY A 55 5.82 -5.53 -8.29
N THR A 56 5.49 -6.76 -7.91
CA THR A 56 4.19 -7.34 -8.20
C THR A 56 3.33 -7.35 -6.94
N TRP A 57 2.04 -7.13 -7.09
CA TRP A 57 1.13 -7.06 -5.95
C TRP A 57 -0.01 -8.07 -6.10
N THR A 58 -0.35 -8.74 -4.99
CA THR A 58 -1.46 -9.69 -5.00
C THR A 58 -2.30 -9.53 -3.73
N MET A 59 -3.59 -9.79 -3.86
CA MET A 59 -4.48 -9.78 -2.71
C MET A 59 -5.37 -11.01 -2.73
N GLU A 60 -5.17 -11.89 -1.76
CA GLU A 60 -5.96 -13.11 -1.65
C GLU A 60 -6.99 -12.96 -0.54
N GLY A 61 -8.25 -12.77 -0.92
CA GLY A 61 -9.34 -12.60 0.04
C GLY A 61 -9.19 -11.33 0.85
N ASN A 62 -8.33 -11.38 1.85
CA ASN A 62 -8.03 -10.24 2.69
C ASN A 62 -6.56 -10.27 3.09
N LYS A 63 -5.73 -10.63 2.13
CA LYS A 63 -4.29 -10.72 2.33
C LYS A 63 -3.58 -9.86 1.32
N LEU A 64 -2.88 -8.87 1.81
CA LEU A 64 -2.15 -7.95 0.96
C LEU A 64 -0.67 -8.29 1.01
N VAL A 65 -0.18 -8.89 -0.06
CA VAL A 65 1.19 -9.39 -0.08
C VAL A 65 1.81 -9.18 -1.46
N GLY A 66 3.08 -8.84 -1.47
CA GLY A 66 3.80 -8.71 -2.72
C GLY A 66 5.28 -8.57 -2.49
N LYS A 67 5.95 -7.83 -3.36
CA LYS A 67 7.36 -7.51 -3.19
C LYS A 67 7.73 -6.39 -4.14
N PHE A 68 8.16 -5.26 -3.59
CA PHE A 68 8.50 -4.11 -4.39
C PHE A 68 9.95 -3.70 -4.16
N LYS A 69 10.61 -3.33 -5.24
CA LYS A 69 12.03 -3.01 -5.20
C LYS A 69 12.23 -1.50 -5.27
N ARG A 70 12.74 -0.95 -4.17
CA ARG A 70 12.98 0.48 -4.06
C ARG A 70 14.42 0.80 -4.41
N VAL A 71 14.73 0.75 -5.69
CA VAL A 71 16.11 0.88 -6.15
C VAL A 71 16.71 2.25 -5.80
N ASP A 72 15.90 3.31 -5.91
CA ASP A 72 16.38 4.67 -5.62
C ASP A 72 16.40 4.95 -4.11
N ASN A 73 16.75 3.94 -3.31
CA ASN A 73 16.87 4.13 -1.86
C ASN A 73 17.59 2.94 -1.24
N GLY A 74 17.22 1.75 -1.68
CA GLY A 74 17.87 0.56 -1.19
C GLY A 74 17.73 -0.58 -2.18
N LYS A 75 16.69 -1.37 -2.02
CA LYS A 75 16.43 -2.46 -2.96
C LYS A 75 15.06 -3.09 -2.73
N GLU A 76 14.55 -3.04 -1.51
CA GLU A 76 13.32 -3.77 -1.21
C GLU A 76 12.47 -3.03 -0.20
N LEU A 77 11.31 -2.61 -0.64
CA LEU A 77 10.32 -2.02 0.24
C LEU A 77 8.97 -2.66 -0.03
N ILE A 78 8.55 -3.53 0.88
CA ILE A 78 7.38 -4.36 0.66
C ILE A 78 6.27 -4.02 1.65
N ALA A 79 5.04 -4.00 1.18
CA ALA A 79 3.90 -3.81 2.07
C ALA A 79 3.14 -5.13 2.21
N VAL A 80 2.91 -5.55 3.44
CA VAL A 80 2.23 -6.80 3.71
C VAL A 80 1.28 -6.65 4.89
N ARG A 81 0.03 -7.04 4.70
CA ARG A 81 -0.95 -6.98 5.78
C ARG A 81 -2.21 -7.77 5.46
N GLU A 82 -2.82 -8.33 6.49
CA GLU A 82 -4.09 -9.00 6.35
C GLU A 82 -5.19 -8.11 6.93
N ILE A 83 -6.40 -8.23 6.40
CA ILE A 83 -7.52 -7.42 6.86
C ILE A 83 -8.43 -8.27 7.74
N SER A 84 -8.54 -7.91 9.01
CA SER A 84 -9.39 -8.64 9.94
C SER A 84 -10.67 -7.86 10.22
N GLY A 85 -11.82 -8.52 10.03
CA GLY A 85 -13.09 -7.83 10.16
C GLY A 85 -13.17 -6.66 9.21
N ASN A 86 -13.35 -5.47 9.76
CA ASN A 86 -13.15 -4.27 8.95
C ASN A 86 -12.22 -3.30 9.67
N GLU A 87 -10.96 -3.35 9.28
CA GLU A 87 -9.92 -2.46 9.76
C GLU A 87 -8.68 -2.70 8.90
N LEU A 88 -7.71 -1.82 8.97
CA LEU A 88 -6.50 -2.01 8.18
C LEU A 88 -5.27 -1.49 8.89
N ILE A 89 -4.32 -2.37 9.07
CA ILE A 89 -2.99 -1.99 9.51
C ILE A 89 -2.08 -2.03 8.29
N GLN A 90 -0.95 -1.35 8.33
CA GLN A 90 -0.09 -1.29 7.16
C GLN A 90 1.36 -1.47 7.55
N THR A 91 2.00 -2.48 6.98
CA THR A 91 3.39 -2.78 7.28
C THR A 91 4.27 -2.46 6.07
N TYR A 92 5.27 -1.65 6.30
CA TYR A 92 6.29 -1.42 5.30
C TYR A 92 7.55 -2.17 5.69
N THR A 93 7.89 -3.16 4.91
CA THR A 93 9.07 -3.95 5.16
C THR A 93 10.18 -3.55 4.19
N TYR A 94 11.14 -2.78 4.70
CA TYR A 94 12.27 -2.37 3.91
C TYR A 94 13.51 -3.10 4.34
N GLU A 95 14.14 -3.80 3.39
CA GLU A 95 15.39 -4.49 3.62
C GLU A 95 15.30 -5.42 4.82
N GLY A 96 14.23 -6.21 4.87
CA GLY A 96 14.07 -7.19 5.94
C GLY A 96 13.47 -6.59 7.21
N VAL A 97 13.39 -5.27 7.30
CA VAL A 97 12.86 -4.62 8.49
C VAL A 97 11.44 -4.15 8.24
N GLU A 98 10.49 -4.67 9.02
CA GLU A 98 9.11 -4.28 8.87
C GLU A 98 8.67 -3.35 9.99
N ALA A 99 7.98 -2.29 9.61
CA ALA A 99 7.40 -1.36 10.56
C ALA A 99 5.96 -1.10 10.18
N LYS A 100 5.06 -1.09 11.15
CA LYS A 100 3.65 -0.98 10.85
C LYS A 100 2.93 -0.01 11.77
N ARG A 101 1.98 0.70 11.19
CA ARG A 101 1.12 1.61 11.92
C ARG A 101 -0.33 1.17 11.72
N ILE A 102 -1.18 1.40 12.71
CA ILE A 102 -2.53 0.87 12.66
C ILE A 102 -3.53 1.94 12.23
N PHE A 103 -4.42 1.56 11.31
CA PHE A 103 -5.46 2.43 10.80
C PHE A 103 -6.79 1.69 10.85
N LYS A 104 -7.88 2.41 10.68
CA LYS A 104 -9.20 1.79 10.81
C LYS A 104 -10.21 2.44 9.87
N LYS A 105 -11.35 1.77 9.69
CA LYS A 105 -12.41 2.26 8.82
C LYS A 105 -12.91 3.64 9.26
N GLU A 106 -12.94 4.57 8.31
CA GLU A 106 -13.39 5.92 8.58
C GLU A 106 -14.83 6.10 8.13
N ALA A 1 -15.06 -5.75 -0.12
CA ALA A 1 -13.88 -5.04 -0.65
C ALA A 1 -13.68 -3.72 0.09
N PHE A 2 -13.12 -2.73 -0.58
CA PHE A 2 -12.90 -1.43 0.03
C PHE A 2 -13.94 -0.41 -0.45
N ASP A 3 -13.51 0.50 -1.32
CA ASP A 3 -14.37 1.58 -1.83
C ASP A 3 -14.81 2.47 -0.67
N GLY A 4 -13.83 2.94 0.08
CA GLY A 4 -14.11 3.70 1.28
C GLY A 4 -12.89 4.42 1.78
N THR A 5 -13.09 5.34 2.71
CA THR A 5 -11.98 6.05 3.30
C THR A 5 -11.67 5.46 4.67
N TRP A 6 -10.44 5.04 4.85
CA TRP A 6 -10.03 4.38 6.08
C TRP A 6 -8.98 5.22 6.80
N LYS A 7 -9.37 5.94 7.85
CA LYS A 7 -8.44 6.79 8.58
C LYS A 7 -8.97 7.24 9.93
N VAL A 8 -8.07 7.85 10.68
CA VAL A 8 -8.38 8.51 11.94
C VAL A 8 -8.49 10.01 11.66
N GLY A 9 -9.42 10.67 12.34
CA GLY A 9 -9.69 12.08 12.09
C GLY A 9 -8.43 12.92 11.97
N GLY A 10 -8.33 13.64 10.87
CA GLY A 10 -7.14 14.41 10.60
C GLY A 10 -6.55 14.09 9.26
N LEU A 11 -6.36 12.80 9.00
CA LEU A 11 -5.82 12.35 7.73
C LEU A 11 -6.93 11.67 6.93
N LYS A 12 -6.70 11.47 5.64
CA LYS A 12 -7.65 10.74 4.82
C LYS A 12 -6.95 9.70 3.97
N LEU A 13 -7.52 8.52 3.92
CA LEU A 13 -7.01 7.44 3.11
C LEU A 13 -8.17 6.84 2.35
N THR A 14 -8.00 6.65 1.06
CA THR A 14 -9.09 6.19 0.23
C THR A 14 -8.62 5.11 -0.73
N ILE A 15 -9.31 3.98 -0.68
CA ILE A 15 -9.02 2.88 -1.59
C ILE A 15 -10.29 2.48 -2.32
N THR A 16 -10.26 2.59 -3.62
CA THR A 16 -11.43 2.25 -4.42
C THR A 16 -11.02 1.34 -5.57
N GLN A 17 -11.73 0.23 -5.71
CA GLN A 17 -11.42 -0.72 -6.77
C GLN A 17 -12.53 -0.76 -7.81
N GLU A 18 -12.12 -0.74 -9.07
CA GLU A 18 -13.04 -0.87 -10.18
C GLU A 18 -12.87 -2.24 -10.82
N GLY A 19 -13.66 -3.18 -10.31
CA GLY A 19 -13.43 -4.57 -10.64
C GLY A 19 -12.28 -5.11 -9.81
N ASN A 20 -11.15 -5.31 -10.47
CA ASN A 20 -9.91 -5.60 -9.77
C ASN A 20 -8.87 -4.58 -10.17
N LYS A 21 -8.71 -3.58 -9.34
CA LYS A 21 -7.75 -2.52 -9.57
C LYS A 21 -7.65 -1.69 -8.30
N PHE A 22 -6.58 -1.85 -7.56
CA PHE A 22 -6.48 -1.24 -6.25
C PHE A 22 -5.55 -0.03 -6.28
N THR A 23 -5.87 0.93 -5.44
CA THR A 23 -5.05 2.12 -5.32
C THR A 23 -5.26 2.73 -3.94
N VAL A 24 -4.16 3.03 -3.27
CA VAL A 24 -4.20 3.53 -1.91
C VAL A 24 -3.90 5.02 -1.92
N LYS A 25 -4.82 5.80 -1.38
CA LYS A 25 -4.65 7.24 -1.31
C LYS A 25 -4.25 7.61 0.10
N GLU A 26 -2.98 7.91 0.30
CA GLU A 26 -2.47 8.21 1.62
C GLU A 26 -2.24 9.70 1.78
N SER A 27 -2.71 10.24 2.89
CA SER A 27 -2.58 11.67 3.18
C SER A 27 -2.24 11.86 4.65
N SER A 28 -1.34 12.79 4.95
CA SER A 28 -0.93 13.04 6.31
C SER A 28 -0.29 14.42 6.44
N ASN A 29 -0.75 15.18 7.45
CA ASN A 29 -0.20 16.49 7.80
C ASN A 29 -0.49 17.55 6.73
N PHE A 30 0.06 17.36 5.53
CA PHE A 30 -0.11 18.33 4.44
C PHE A 30 0.43 17.76 3.14
N ARG A 31 -0.09 16.60 2.77
CA ARG A 31 0.37 15.91 1.57
C ARG A 31 -0.62 14.82 1.18
N ASN A 32 -0.49 14.32 -0.03
CA ASN A 32 -1.33 13.22 -0.51
C ASN A 32 -0.65 12.47 -1.64
N ILE A 33 -0.75 11.16 -1.62
CA ILE A 33 -0.04 10.32 -2.57
C ILE A 33 -0.75 8.99 -2.75
N ASP A 34 -0.93 8.57 -3.99
CA ASP A 34 -1.62 7.33 -4.29
C ASP A 34 -0.66 6.23 -4.72
N VAL A 35 -0.89 5.03 -4.22
CA VAL A 35 -0.16 3.86 -4.62
C VAL A 35 -1.08 2.99 -5.48
N VAL A 36 -0.76 2.85 -6.76
CA VAL A 36 -1.63 2.10 -7.66
C VAL A 36 -1.03 0.72 -7.95
N PHE A 37 -1.86 -0.30 -7.88
CA PHE A 37 -1.40 -1.67 -8.06
C PHE A 37 -2.57 -2.63 -8.31
N GLU A 38 -2.42 -3.47 -9.32
CA GLU A 38 -3.45 -4.43 -9.69
C GLU A 38 -3.04 -5.82 -9.24
N LEU A 39 -4.00 -6.56 -8.70
CA LEU A 39 -3.74 -7.85 -8.06
C LEU A 39 -2.90 -8.77 -8.92
N GLY A 40 -1.74 -9.17 -8.40
CA GLY A 40 -0.87 -10.09 -9.11
C GLY A 40 -0.28 -9.49 -10.37
N VAL A 41 0.03 -8.21 -10.31
CA VAL A 41 0.62 -7.52 -11.44
C VAL A 41 1.85 -6.75 -10.97
N ASP A 42 2.86 -6.68 -11.83
CA ASP A 42 4.09 -5.99 -11.49
C ASP A 42 4.10 -4.61 -12.13
N PHE A 43 4.65 -3.67 -11.41
CA PHE A 43 4.55 -2.27 -11.77
C PHE A 43 5.80 -1.53 -11.33
N ALA A 44 6.17 -0.50 -12.08
CA ALA A 44 7.37 0.27 -11.78
C ALA A 44 7.10 1.76 -11.92
N TYR A 45 7.34 2.50 -10.84
CA TYR A 45 7.13 3.94 -10.86
C TYR A 45 7.79 4.59 -9.65
N SER A 46 7.95 5.90 -9.71
CA SER A 46 8.54 6.65 -8.61
C SER A 46 7.44 7.39 -7.86
N LEU A 47 7.40 7.20 -6.56
CA LEU A 47 6.42 7.87 -5.71
C LEU A 47 7.07 9.01 -4.95
N ALA A 48 6.49 10.20 -5.07
CA ALA A 48 6.99 11.41 -4.41
C ALA A 48 8.45 11.67 -4.73
N ASP A 49 8.86 11.25 -5.93
CA ASP A 49 10.24 11.40 -6.40
C ASP A 49 11.23 10.88 -5.35
N GLY A 50 10.92 9.73 -4.78
CA GLY A 50 11.76 9.20 -3.72
C GLY A 50 11.81 7.70 -3.72
N THR A 51 10.66 7.06 -3.64
CA THR A 51 10.59 5.61 -3.69
C THR A 51 10.30 5.14 -5.11
N GLU A 52 11.17 4.30 -5.66
CA GLU A 52 10.91 3.74 -6.97
C GLU A 52 10.82 2.24 -6.84
N LEU A 53 9.62 1.74 -6.61
CA LEU A 53 9.44 0.33 -6.35
C LEU A 53 8.90 -0.40 -7.56
N THR A 54 9.66 -1.38 -8.02
CA THR A 54 9.23 -2.26 -9.08
C THR A 54 8.87 -3.59 -8.46
N GLY A 55 7.60 -3.93 -8.46
CA GLY A 55 7.19 -5.10 -7.74
C GLY A 55 5.81 -5.60 -8.08
N THR A 56 5.52 -6.80 -7.64
CA THR A 56 4.22 -7.42 -7.82
C THR A 56 3.79 -8.11 -6.55
N TRP A 57 2.53 -7.94 -6.16
CA TRP A 57 2.00 -8.64 -5.00
C TRP A 57 0.72 -9.35 -5.39
N THR A 58 0.35 -10.37 -4.64
CA THR A 58 -0.87 -11.07 -4.93
C THR A 58 -1.81 -11.00 -3.73
N MET A 59 -3.09 -10.85 -4.00
CA MET A 59 -4.08 -10.76 -2.94
C MET A 59 -4.96 -12.00 -2.93
N GLU A 60 -4.92 -12.73 -1.83
CA GLU A 60 -5.75 -13.92 -1.69
C GLU A 60 -6.32 -14.01 -0.28
N GLY A 61 -7.65 -14.08 -0.19
CA GLY A 61 -8.32 -14.21 1.08
C GLY A 61 -8.01 -13.07 2.03
N ASN A 62 -8.03 -11.86 1.50
CA ASN A 62 -7.77 -10.65 2.28
C ASN A 62 -6.34 -10.63 2.79
N LYS A 63 -5.42 -10.98 1.92
CA LYS A 63 -3.99 -10.92 2.22
C LYS A 63 -3.26 -10.25 1.09
N LEU A 64 -2.42 -9.30 1.45
CA LEU A 64 -1.68 -8.51 0.49
C LEU A 64 -0.19 -8.80 0.63
N VAL A 65 0.36 -9.59 -0.29
CA VAL A 65 1.75 -10.03 -0.18
C VAL A 65 2.40 -10.15 -1.56
N GLY A 66 3.47 -9.40 -1.79
CA GLY A 66 4.20 -9.49 -3.03
C GLY A 66 5.69 -9.35 -2.86
N LYS A 67 6.31 -8.58 -3.73
CA LYS A 67 7.76 -8.37 -3.71
C LYS A 67 8.09 -7.11 -4.50
N PHE A 68 8.64 -6.10 -3.82
CA PHE A 68 8.88 -4.80 -4.46
C PHE A 68 10.36 -4.42 -4.34
N LYS A 69 10.90 -3.81 -5.38
CA LYS A 69 12.30 -3.42 -5.41
C LYS A 69 12.45 -1.91 -5.25
N ARG A 70 13.24 -1.49 -4.27
CA ARG A 70 13.49 -0.09 -4.02
C ARG A 70 14.97 0.23 -4.23
N VAL A 71 15.36 0.39 -5.49
CA VAL A 71 16.78 0.56 -5.85
C VAL A 71 17.38 1.85 -5.27
N ASP A 72 16.57 2.90 -5.17
CA ASP A 72 17.04 4.21 -4.73
C ASP A 72 17.70 4.15 -3.34
N ASN A 73 17.14 3.35 -2.47
CA ASN A 73 17.65 3.23 -1.10
C ASN A 73 18.39 1.91 -0.90
N GLY A 74 17.88 0.85 -1.52
CA GLY A 74 18.50 -0.45 -1.39
C GLY A 74 18.21 -1.33 -2.57
N LYS A 75 17.35 -2.32 -2.37
CA LYS A 75 17.04 -3.28 -3.40
C LYS A 75 15.63 -3.86 -3.23
N GLU A 76 15.16 -3.95 -2.00
CA GLU A 76 13.88 -4.60 -1.73
C GLU A 76 13.15 -3.92 -0.59
N LEU A 77 11.97 -3.43 -0.91
CA LEU A 77 11.07 -2.87 0.07
C LEU A 77 9.67 -3.41 -0.20
N ILE A 78 9.25 -4.35 0.61
CA ILE A 78 8.07 -5.16 0.30
C ILE A 78 6.87 -4.70 1.11
N ALA A 79 5.70 -4.73 0.50
CA ALA A 79 4.47 -4.43 1.20
C ALA A 79 3.74 -5.72 1.52
N VAL A 80 3.57 -5.99 2.80
CA VAL A 80 2.94 -7.22 3.25
C VAL A 80 1.96 -6.94 4.38
N ARG A 81 0.72 -7.38 4.22
CA ARG A 81 -0.30 -7.19 5.24
C ARG A 81 -1.52 -8.05 4.97
N GLU A 82 -2.21 -8.43 6.03
CA GLU A 82 -3.47 -9.11 5.92
C GLU A 82 -4.55 -8.28 6.59
N ILE A 83 -5.78 -8.37 6.09
CA ILE A 83 -6.87 -7.56 6.61
C ILE A 83 -7.75 -8.39 7.51
N SER A 84 -7.94 -7.92 8.74
CA SER A 84 -8.78 -8.63 9.70
C SER A 84 -9.96 -7.74 10.10
N GLY A 85 -11.17 -8.30 10.05
CA GLY A 85 -12.36 -7.53 10.32
C GLY A 85 -12.48 -6.37 9.34
N ASN A 86 -12.65 -5.16 9.86
CA ASN A 86 -12.52 -3.98 9.03
C ASN A 86 -11.49 -3.05 9.63
N GLU A 87 -10.28 -3.18 9.13
CA GLU A 87 -9.16 -2.34 9.49
C GLU A 87 -8.01 -2.68 8.55
N LEU A 88 -6.97 -1.85 8.51
CA LEU A 88 -5.85 -2.15 7.65
C LEU A 88 -4.56 -1.55 8.18
N ILE A 89 -3.56 -2.40 8.30
CA ILE A 89 -2.22 -1.95 8.59
C ILE A 89 -1.43 -1.99 7.28
N GLN A 90 -0.30 -1.34 7.23
CA GLN A 90 0.49 -1.33 6.00
C GLN A 90 1.97 -1.42 6.33
N THR A 91 2.55 -2.59 6.05
CA THR A 91 3.93 -2.83 6.41
C THR A 91 4.84 -2.76 5.19
N TYR A 92 5.89 -1.97 5.33
CA TYR A 92 6.95 -1.93 4.36
C TYR A 92 8.15 -2.69 4.93
N THR A 93 8.46 -3.82 4.32
CA THR A 93 9.56 -4.64 4.77
C THR A 93 10.77 -4.46 3.87
N TYR A 94 11.76 -3.75 4.35
CA TYR A 94 12.97 -3.48 3.59
C TYR A 94 14.11 -4.38 4.06
N GLU A 95 14.68 -5.12 3.12
CA GLU A 95 15.80 -6.03 3.39
C GLU A 95 15.40 -7.18 4.32
N GLY A 96 15.20 -6.85 5.60
CA GLY A 96 14.74 -7.83 6.56
C GLY A 96 14.15 -7.18 7.80
N VAL A 97 13.67 -5.94 7.63
CA VAL A 97 13.01 -5.22 8.70
C VAL A 97 11.73 -4.60 8.19
N GLU A 98 10.69 -4.60 9.01
CA GLU A 98 9.39 -4.12 8.57
C GLU A 98 8.93 -2.92 9.39
N ALA A 99 8.60 -1.85 8.69
CA ALA A 99 8.01 -0.67 9.31
C ALA A 99 6.54 -0.60 8.89
N LYS A 100 5.66 -0.35 9.84
CA LYS A 100 4.24 -0.43 9.55
C LYS A 100 3.49 0.82 9.97
N ARG A 101 2.57 1.21 9.12
CA ARG A 101 1.67 2.32 9.38
C ARG A 101 0.28 1.76 9.71
N ILE A 102 -0.40 2.33 10.69
CA ILE A 102 -1.67 1.77 11.15
C ILE A 102 -2.85 2.57 10.62
N PHE A 103 -3.86 1.87 10.12
CA PHE A 103 -5.07 2.49 9.60
C PHE A 103 -6.30 1.69 10.02
N LYS A 104 -7.47 2.33 9.95
CA LYS A 104 -8.73 1.68 10.29
C LYS A 104 -9.86 2.35 9.52
N LYS A 105 -10.92 1.60 9.26
CA LYS A 105 -12.05 2.12 8.48
C LYS A 105 -12.67 3.32 9.17
N GLU A 106 -12.81 4.43 8.43
CA GLU A 106 -13.46 5.63 8.95
C GLU A 106 -14.98 5.45 8.94
N ALA A 1 -16.78 -5.39 -0.29
CA ALA A 1 -15.90 -4.59 -1.17
C ALA A 1 -15.56 -3.26 -0.52
N PHE A 2 -14.37 -2.75 -0.79
CA PHE A 2 -13.91 -1.50 -0.21
C PHE A 2 -14.63 -0.29 -0.81
N ASP A 3 -13.88 0.52 -1.56
CA ASP A 3 -14.39 1.79 -2.09
C ASP A 3 -14.78 2.70 -0.93
N GLY A 4 -13.84 2.93 -0.05
CA GLY A 4 -14.11 3.66 1.17
C GLY A 4 -12.85 4.19 1.79
N THR A 5 -13.01 5.08 2.76
CA THR A 5 -11.88 5.70 3.43
C THR A 5 -11.62 5.04 4.77
N TRP A 6 -10.38 4.64 4.98
CA TRP A 6 -9.98 3.96 6.22
C TRP A 6 -8.78 4.68 6.81
N LYS A 7 -8.98 5.47 7.87
CA LYS A 7 -7.87 6.23 8.41
C LYS A 7 -8.15 6.81 9.79
N VAL A 8 -7.06 7.27 10.41
CA VAL A 8 -7.11 8.04 11.64
C VAL A 8 -6.86 9.51 11.28
N GLY A 9 -7.55 10.43 11.96
CA GLY A 9 -7.46 11.85 11.64
C GLY A 9 -6.04 12.37 11.56
N GLY A 10 -5.79 13.27 10.61
CA GLY A 10 -4.45 13.80 10.40
C GLY A 10 -3.90 13.37 9.06
N LEU A 11 -4.27 12.17 8.67
CA LEU A 11 -3.91 11.59 7.38
C LEU A 11 -5.14 10.89 6.85
N LYS A 12 -5.17 10.54 5.56
CA LYS A 12 -6.37 9.92 4.99
C LYS A 12 -5.99 8.81 4.02
N LEU A 13 -6.88 7.82 3.91
CA LEU A 13 -6.62 6.65 3.08
C LEU A 13 -7.92 6.22 2.41
N THR A 14 -7.83 5.96 1.13
CA THR A 14 -8.98 5.54 0.35
C THR A 14 -8.60 4.38 -0.57
N ILE A 15 -9.39 3.32 -0.54
CA ILE A 15 -9.13 2.17 -1.38
C ILE A 15 -10.35 1.87 -2.23
N THR A 16 -10.16 1.79 -3.53
CA THR A 16 -11.26 1.54 -4.45
C THR A 16 -10.87 0.51 -5.48
N GLN A 17 -11.84 -0.29 -5.92
CA GLN A 17 -11.60 -1.32 -6.90
C GLN A 17 -12.60 -1.26 -8.04
N GLU A 18 -12.28 -1.95 -9.11
CA GLU A 18 -13.12 -2.03 -10.30
C GLU A 18 -12.95 -3.40 -10.94
N GLY A 19 -13.61 -4.38 -10.35
CA GLY A 19 -13.33 -5.76 -10.68
C GLY A 19 -12.18 -6.25 -9.81
N ASN A 20 -11.02 -6.34 -10.41
CA ASN A 20 -9.80 -6.47 -9.63
C ASN A 20 -8.78 -5.47 -10.13
N LYS A 21 -8.74 -4.35 -9.45
CA LYS A 21 -7.77 -3.29 -9.69
C LYS A 21 -7.90 -2.31 -8.55
N PHE A 22 -6.95 -2.30 -7.66
CA PHE A 22 -7.09 -1.51 -6.45
C PHE A 22 -6.16 -0.31 -6.48
N THR A 23 -6.72 0.85 -6.20
CA THR A 23 -5.93 2.04 -6.05
C THR A 23 -6.00 2.49 -4.60
N VAL A 24 -4.88 2.95 -4.08
CA VAL A 24 -4.76 3.27 -2.67
C VAL A 24 -4.36 4.72 -2.52
N LYS A 25 -5.13 5.45 -1.74
CA LYS A 25 -4.83 6.84 -1.46
C LYS A 25 -4.22 6.95 -0.09
N GLU A 26 -2.92 7.16 -0.06
CA GLU A 26 -2.22 7.40 1.18
C GLU A 26 -1.90 8.88 1.26
N SER A 27 -1.51 9.35 2.42
CA SER A 27 -1.23 10.76 2.58
C SER A 27 -0.28 11.01 3.74
N SER A 28 0.91 11.49 3.42
CA SER A 28 1.88 11.84 4.44
C SER A 28 2.74 13.01 3.94
N ASN A 29 2.42 14.18 4.47
CA ASN A 29 3.06 15.45 4.13
C ASN A 29 2.13 16.53 4.66
N PHE A 30 1.00 16.64 3.98
CA PHE A 30 -0.16 17.22 4.55
C PHE A 30 -1.24 16.17 4.35
N ARG A 31 -1.40 15.86 3.07
CA ARG A 31 -2.16 14.70 2.63
C ARG A 31 -1.97 14.49 1.13
N ASN A 32 -1.11 13.57 0.71
CA ASN A 32 -0.94 13.33 -0.73
C ASN A 32 -0.09 12.12 -1.07
N ILE A 33 -0.75 11.09 -1.57
CA ILE A 33 -0.11 9.90 -2.12
C ILE A 33 -1.15 9.03 -2.85
N ASP A 34 -0.74 8.38 -3.93
CA ASP A 34 -1.61 7.41 -4.60
C ASP A 34 -0.80 6.25 -5.15
N VAL A 35 -1.33 5.05 -4.94
CA VAL A 35 -0.72 3.83 -5.44
C VAL A 35 -1.75 3.03 -6.21
N VAL A 36 -1.51 2.84 -7.50
CA VAL A 36 -2.44 2.08 -8.33
C VAL A 36 -1.79 0.76 -8.77
N PHE A 37 -2.54 -0.32 -8.64
CA PHE A 37 -2.01 -1.65 -8.94
C PHE A 37 -3.10 -2.62 -9.34
N GLU A 38 -2.74 -3.52 -10.24
CA GLU A 38 -3.63 -4.59 -10.66
C GLU A 38 -3.16 -5.88 -10.02
N LEU A 39 -4.09 -6.74 -9.67
CA LEU A 39 -3.75 -7.99 -8.99
C LEU A 39 -2.87 -8.87 -9.89
N GLY A 40 -1.70 -9.20 -9.40
CA GLY A 40 -0.75 -10.00 -10.16
C GLY A 40 -0.10 -9.22 -11.28
N VAL A 41 0.24 -7.96 -11.02
CA VAL A 41 0.89 -7.11 -12.01
C VAL A 41 2.12 -6.43 -11.42
N ASP A 42 3.18 -6.39 -12.22
CA ASP A 42 4.43 -5.77 -11.83
C ASP A 42 4.55 -4.39 -12.47
N PHE A 43 5.01 -3.42 -11.69
CA PHE A 43 5.04 -2.03 -12.12
C PHE A 43 6.11 -1.27 -11.35
N ALA A 44 6.48 -0.09 -11.85
CA ALA A 44 7.53 0.69 -11.23
C ALA A 44 7.26 2.19 -11.36
N TYR A 45 7.37 2.90 -10.25
CA TYR A 45 7.23 4.35 -10.26
C TYR A 45 7.73 4.95 -8.94
N SER A 46 7.87 6.26 -8.92
CA SER A 46 8.39 6.95 -7.76
C SER A 46 7.25 7.54 -6.95
N LEU A 47 7.24 7.19 -5.68
CA LEU A 47 6.19 7.62 -4.77
C LEU A 47 6.65 8.73 -3.87
N ALA A 48 5.77 9.71 -3.67
CA ALA A 48 6.03 10.88 -2.86
C ALA A 48 7.06 11.80 -3.51
N ASP A 49 8.29 11.32 -3.59
CA ASP A 49 9.37 12.07 -4.22
C ASP A 49 10.70 11.30 -4.06
N GLY A 50 10.60 10.00 -3.80
CA GLY A 50 11.81 9.25 -3.56
C GLY A 50 11.72 7.79 -3.93
N THR A 51 10.97 7.01 -3.17
CA THR A 51 10.94 5.56 -3.35
C THR A 51 10.51 5.18 -4.76
N GLU A 52 11.36 4.43 -5.45
CA GLU A 52 11.01 3.92 -6.77
C GLU A 52 10.94 2.42 -6.69
N LEU A 53 9.75 1.92 -6.41
CA LEU A 53 9.59 0.48 -6.16
C LEU A 53 9.03 -0.23 -7.38
N THR A 54 9.78 -1.23 -7.82
CA THR A 54 9.36 -2.09 -8.92
C THR A 54 8.91 -3.42 -8.37
N GLY A 55 7.63 -3.72 -8.43
CA GLY A 55 7.16 -4.94 -7.82
C GLY A 55 5.76 -5.33 -8.24
N THR A 56 5.40 -6.57 -7.96
CA THR A 56 4.09 -7.09 -8.25
C THR A 56 3.26 -7.16 -6.96
N TRP A 57 1.97 -6.94 -7.08
CA TRP A 57 1.08 -6.91 -5.93
C TRP A 57 -0.06 -7.90 -6.11
N THR A 58 -0.38 -8.65 -5.06
CA THR A 58 -1.50 -9.57 -5.08
C THR A 58 -2.37 -9.38 -3.84
N MET A 59 -3.66 -9.54 -4.01
CA MET A 59 -4.58 -9.44 -2.89
C MET A 59 -5.49 -10.65 -2.84
N GLU A 60 -5.25 -11.52 -1.88
CA GLU A 60 -6.00 -12.75 -1.76
C GLU A 60 -7.02 -12.65 -0.62
N GLY A 61 -8.29 -12.48 -0.97
CA GLY A 61 -9.34 -12.33 0.03
C GLY A 61 -9.24 -11.01 0.79
N ASN A 62 -8.41 -10.99 1.80
CA ASN A 62 -8.15 -9.78 2.57
C ASN A 62 -6.70 -9.77 3.03
N LYS A 63 -5.84 -10.22 2.13
CA LYS A 63 -4.41 -10.24 2.38
C LYS A 63 -3.69 -9.50 1.27
N LEU A 64 -2.88 -8.56 1.67
CA LEU A 64 -2.16 -7.74 0.73
C LEU A 64 -0.69 -8.12 0.74
N VAL A 65 -0.24 -8.73 -0.34
CA VAL A 65 1.11 -9.26 -0.40
C VAL A 65 1.76 -8.91 -1.73
N GLY A 66 3.04 -8.58 -1.69
CA GLY A 66 3.77 -8.29 -2.90
C GLY A 66 5.26 -8.36 -2.68
N LYS A 67 6.01 -7.74 -3.57
CA LYS A 67 7.46 -7.68 -3.46
C LYS A 67 7.98 -6.61 -4.40
N PHE A 68 8.53 -5.54 -3.84
CA PHE A 68 8.95 -4.41 -4.65
C PHE A 68 10.44 -4.14 -4.48
N LYS A 69 11.05 -3.62 -5.54
CA LYS A 69 12.47 -3.30 -5.52
C LYS A 69 12.66 -1.81 -5.37
N ARG A 70 13.44 -1.43 -4.39
CA ARG A 70 13.70 -0.04 -4.07
C ARG A 70 15.20 0.22 -4.15
N VAL A 71 15.68 0.50 -5.35
CA VAL A 71 17.12 0.57 -5.62
C VAL A 71 17.82 1.63 -4.79
N ASP A 72 17.17 2.78 -4.60
CA ASP A 72 17.76 3.87 -3.82
C ASP A 72 17.60 3.63 -2.32
N ASN A 73 17.87 2.40 -1.91
CA ASN A 73 17.82 2.02 -0.50
C ASN A 73 18.49 0.67 -0.30
N GLY A 74 18.08 -0.31 -1.10
CA GLY A 74 18.69 -1.61 -1.03
C GLY A 74 18.02 -2.60 -1.97
N LYS A 75 17.64 -2.08 -3.14
CA LYS A 75 16.93 -2.82 -4.19
C LYS A 75 15.79 -3.70 -3.65
N GLU A 76 15.15 -3.25 -2.57
CA GLU A 76 14.02 -3.97 -2.00
C GLU A 76 13.24 -3.11 -1.02
N LEU A 77 11.93 -3.28 -1.04
CA LEU A 77 11.02 -2.70 -0.06
C LEU A 77 9.64 -3.34 -0.23
N ILE A 78 9.25 -4.16 0.73
CA ILE A 78 8.04 -4.96 0.58
C ILE A 78 6.94 -4.48 1.52
N ALA A 79 5.75 -4.26 0.96
CA ALA A 79 4.60 -3.93 1.77
C ALA A 79 3.63 -5.11 1.79
N VAL A 80 3.32 -5.60 2.98
CA VAL A 80 2.45 -6.76 3.15
C VAL A 80 1.60 -6.61 4.41
N ARG A 81 0.30 -6.84 4.28
CA ARG A 81 -0.59 -6.79 5.43
C ARG A 81 -1.96 -7.39 5.13
N GLU A 82 -2.58 -7.96 6.16
CA GLU A 82 -3.91 -8.51 6.05
C GLU A 82 -4.93 -7.58 6.71
N ILE A 83 -6.18 -7.70 6.33
CA ILE A 83 -7.23 -6.86 6.88
C ILE A 83 -8.04 -7.67 7.90
N SER A 84 -8.05 -7.21 9.13
CA SER A 84 -8.80 -7.88 10.18
C SER A 84 -10.03 -7.07 10.56
N GLY A 85 -11.21 -7.68 10.44
CA GLY A 85 -12.45 -6.94 10.64
C GLY A 85 -12.57 -5.84 9.62
N ASN A 86 -12.68 -4.61 10.09
CA ASN A 86 -12.47 -3.47 9.20
C ASN A 86 -11.45 -2.53 9.81
N GLU A 87 -10.22 -2.72 9.38
CA GLU A 87 -9.12 -1.85 9.73
C GLU A 87 -7.94 -2.23 8.86
N LEU A 88 -7.07 -1.28 8.55
CA LEU A 88 -5.93 -1.59 7.71
C LEU A 88 -4.63 -1.22 8.38
N ILE A 89 -3.69 -2.14 8.30
CA ILE A 89 -2.33 -1.87 8.72
C ILE A 89 -1.45 -1.91 7.48
N GLN A 90 -0.31 -1.27 7.52
CA GLN A 90 0.55 -1.24 6.35
C GLN A 90 2.01 -1.36 6.78
N THR A 91 2.63 -2.48 6.45
CA THR A 91 3.99 -2.74 6.88
C THR A 91 4.96 -2.62 5.72
N TYR A 92 6.04 -1.89 5.96
CA TYR A 92 7.14 -1.82 5.02
C TYR A 92 8.28 -2.69 5.52
N THR A 93 8.47 -3.81 4.86
CA THR A 93 9.47 -4.78 5.27
C THR A 93 10.68 -4.72 4.35
N TYR A 94 11.86 -4.77 4.94
CA TYR A 94 13.09 -4.71 4.17
C TYR A 94 14.26 -5.23 5.00
N GLU A 95 15.10 -6.07 4.37
CA GLU A 95 16.33 -6.58 4.98
C GLU A 95 16.05 -7.51 6.17
N GLY A 96 15.56 -6.93 7.26
CA GLY A 96 15.24 -7.72 8.44
C GLY A 96 14.51 -6.89 9.47
N VAL A 97 13.79 -5.88 8.99
CA VAL A 97 12.99 -5.02 9.85
C VAL A 97 11.66 -4.70 9.20
N GLU A 98 10.64 -4.53 10.03
CA GLU A 98 9.29 -4.23 9.53
C GLU A 98 8.74 -2.98 10.19
N ALA A 99 8.29 -2.04 9.38
CA ALA A 99 7.70 -0.82 9.90
C ALA A 99 6.24 -0.74 9.47
N LYS A 100 5.34 -0.79 10.43
CA LYS A 100 3.92 -0.76 10.11
C LYS A 100 3.22 0.43 10.74
N ARG A 101 2.38 1.05 9.94
CA ARG A 101 1.56 2.17 10.39
C ARG A 101 0.12 1.68 10.53
N ILE A 102 -0.55 2.10 11.60
CA ILE A 102 -1.84 1.52 11.95
C ILE A 102 -2.99 2.44 11.56
N PHE A 103 -3.99 1.87 10.89
CA PHE A 103 -5.17 2.62 10.48
C PHE A 103 -6.42 1.80 10.77
N LYS A 104 -7.58 2.45 10.72
CA LYS A 104 -8.85 1.79 10.94
C LYS A 104 -9.91 2.38 10.03
N LYS A 105 -10.92 1.61 9.69
CA LYS A 105 -11.97 2.08 8.78
C LYS A 105 -12.64 3.33 9.33
N GLU A 106 -12.82 4.32 8.47
CA GLU A 106 -13.56 5.51 8.84
C GLU A 106 -15.05 5.20 8.77
N ALA A 1 -16.85 -4.16 0.14
CA ALA A 1 -15.56 -4.58 0.74
C ALA A 1 -14.57 -3.42 0.76
N PHE A 2 -14.46 -2.72 -0.36
CA PHE A 2 -13.58 -1.56 -0.47
C PHE A 2 -14.18 -0.51 -1.39
N ASP A 3 -13.67 0.72 -1.30
CA ASP A 3 -14.06 1.81 -2.20
C ASP A 3 -13.21 3.04 -1.92
N GLY A 4 -13.33 3.65 -0.76
CA GLY A 4 -12.26 4.48 -0.36
C GLY A 4 -12.48 5.22 0.92
N THR A 5 -12.09 4.62 2.03
CA THR A 5 -11.76 5.40 3.20
C THR A 5 -11.26 4.51 4.34
N TRP A 6 -9.95 4.47 4.55
CA TRP A 6 -9.39 3.76 5.71
C TRP A 6 -8.25 4.58 6.28
N LYS A 7 -8.50 5.34 7.34
CA LYS A 7 -7.44 6.16 7.92
C LYS A 7 -7.83 6.73 9.27
N VAL A 8 -6.83 7.25 9.97
CA VAL A 8 -7.00 7.80 11.31
C VAL A 8 -6.98 9.33 11.30
N GLY A 9 -7.89 9.92 12.07
CA GLY A 9 -7.87 11.36 12.29
C GLY A 9 -7.89 12.18 11.03
N GLY A 10 -7.02 13.20 10.98
CA GLY A 10 -6.97 14.10 9.86
C GLY A 10 -6.15 13.54 8.70
N LEU A 11 -6.22 12.23 8.52
CA LEU A 11 -5.59 11.59 7.37
C LEU A 11 -6.66 10.87 6.58
N LYS A 12 -6.54 10.86 5.27
CA LYS A 12 -7.50 10.18 4.44
C LYS A 12 -6.83 9.12 3.58
N LEU A 13 -7.50 8.00 3.42
CA LEU A 13 -7.01 6.91 2.60
C LEU A 13 -8.18 6.32 1.85
N THR A 14 -8.01 6.12 0.57
CA THR A 14 -9.06 5.62 -0.28
C THR A 14 -8.57 4.43 -1.08
N ILE A 15 -9.33 3.35 -1.03
CA ILE A 15 -8.95 2.12 -1.71
C ILE A 15 -10.06 1.70 -2.66
N THR A 16 -9.91 2.02 -3.92
CA THR A 16 -10.97 1.80 -4.88
C THR A 16 -10.69 0.58 -5.75
N GLN A 17 -11.71 -0.21 -6.01
CA GLN A 17 -11.54 -1.38 -6.86
C GLN A 17 -12.80 -1.74 -7.63
N GLU A 18 -12.58 -2.23 -8.84
CA GLU A 18 -13.66 -2.72 -9.67
C GLU A 18 -13.70 -4.26 -9.60
N GLY A 19 -13.49 -4.95 -10.71
CA GLY A 19 -13.39 -6.40 -10.65
C GLY A 19 -12.11 -6.82 -9.94
N ASN A 20 -11.01 -6.30 -10.44
CA ASN A 20 -9.72 -6.41 -9.76
C ASN A 20 -8.80 -5.32 -10.27
N LYS A 21 -8.75 -4.24 -9.50
CA LYS A 21 -7.88 -3.12 -9.76
C LYS A 21 -7.92 -2.20 -8.57
N PHE A 22 -6.81 -2.03 -7.89
CA PHE A 22 -6.82 -1.26 -6.65
C PHE A 22 -6.03 0.02 -6.79
N THR A 23 -6.46 1.04 -6.07
CA THR A 23 -5.75 2.29 -6.00
C THR A 23 -5.83 2.82 -4.58
N VAL A 24 -4.70 3.31 -4.07
CA VAL A 24 -4.60 3.73 -2.69
C VAL A 24 -4.39 5.22 -2.61
N LYS A 25 -5.19 5.88 -1.80
CA LYS A 25 -5.07 7.31 -1.60
C LYS A 25 -4.35 7.58 -0.29
N GLU A 26 -3.13 8.08 -0.38
CA GLU A 26 -2.35 8.36 0.80
C GLU A 26 -2.23 9.86 1.02
N SER A 27 -2.47 10.27 2.26
CA SER A 27 -2.36 11.67 2.64
C SER A 27 -1.82 11.76 4.07
N SER A 28 -0.65 12.37 4.23
CA SER A 28 -0.01 12.48 5.52
C SER A 28 1.02 13.60 5.50
N ASN A 29 1.11 14.32 6.62
CA ASN A 29 2.04 15.45 6.77
C ASN A 29 1.65 16.61 5.87
N PHE A 30 1.93 16.49 4.58
CA PHE A 30 1.59 17.53 3.61
C PHE A 30 1.74 16.99 2.20
N ARG A 31 1.03 15.91 1.89
CA ARG A 31 1.12 15.28 0.58
C ARG A 31 -0.07 14.37 0.31
N ASN A 32 -0.53 14.37 -0.93
CA ASN A 32 -1.59 13.49 -1.37
C ASN A 32 -1.12 12.74 -2.61
N ILE A 33 -1.25 11.43 -2.60
CA ILE A 33 -0.74 10.60 -3.68
C ILE A 33 -1.52 9.30 -3.77
N ASP A 34 -1.80 8.87 -5.00
CA ASP A 34 -2.56 7.65 -5.22
C ASP A 34 -1.66 6.58 -5.83
N VAL A 35 -1.74 5.37 -5.28
CA VAL A 35 -0.97 4.25 -5.79
C VAL A 35 -1.90 3.25 -6.45
N VAL A 36 -1.83 3.14 -7.77
CA VAL A 36 -2.72 2.24 -8.49
C VAL A 36 -1.97 0.97 -8.90
N PHE A 37 -2.64 -0.16 -8.76
CA PHE A 37 -2.03 -1.45 -9.03
C PHE A 37 -3.08 -2.52 -9.29
N GLU A 38 -2.77 -3.43 -10.18
CA GLU A 38 -3.64 -4.54 -10.50
C GLU A 38 -3.12 -5.81 -9.84
N LEU A 39 -4.03 -6.70 -9.47
CA LEU A 39 -3.66 -7.93 -8.77
C LEU A 39 -2.77 -8.80 -9.65
N GLY A 40 -1.60 -9.15 -9.12
CA GLY A 40 -0.67 -9.97 -9.85
C GLY A 40 0.00 -9.23 -10.99
N VAL A 41 0.31 -7.95 -10.77
CA VAL A 41 0.99 -7.16 -11.78
C VAL A 41 2.26 -6.53 -11.20
N ASP A 42 3.36 -6.60 -11.96
CA ASP A 42 4.61 -6.01 -11.54
C ASP A 42 4.85 -4.71 -12.31
N PHE A 43 5.36 -3.71 -11.62
CA PHE A 43 5.48 -2.38 -12.19
C PHE A 43 6.44 -1.54 -11.37
N ALA A 44 7.03 -0.54 -12.02
CA ALA A 44 7.90 0.41 -11.35
C ALA A 44 7.16 1.73 -11.15
N TYR A 45 7.31 2.32 -9.99
CA TYR A 45 6.58 3.53 -9.67
C TYR A 45 7.32 4.34 -8.60
N SER A 46 7.30 5.65 -8.74
CA SER A 46 7.94 6.53 -7.78
C SER A 46 6.89 7.15 -6.87
N LEU A 47 7.12 7.04 -5.57
CA LEU A 47 6.17 7.51 -4.58
C LEU A 47 6.74 8.70 -3.81
N ALA A 48 5.98 9.79 -3.80
CA ALA A 48 6.36 11.03 -3.12
C ALA A 48 7.73 11.52 -3.59
N ASP A 49 8.05 11.23 -4.85
CA ASP A 49 9.32 11.61 -5.46
C ASP A 49 10.50 11.23 -4.57
N GLY A 50 10.51 9.98 -4.13
CA GLY A 50 11.58 9.52 -3.25
C GLY A 50 11.81 8.03 -3.34
N THR A 51 10.75 7.25 -3.17
CA THR A 51 10.86 5.82 -3.27
C THR A 51 10.54 5.38 -4.70
N GLU A 52 11.48 4.69 -5.33
CA GLU A 52 11.24 4.15 -6.65
C GLU A 52 11.17 2.65 -6.56
N LEU A 53 9.96 2.14 -6.45
CA LEU A 53 9.75 0.73 -6.20
C LEU A 53 9.29 0.00 -7.46
N THR A 54 10.03 -1.01 -7.84
CA THR A 54 9.62 -1.91 -8.92
C THR A 54 9.14 -3.21 -8.30
N GLY A 55 7.85 -3.52 -8.44
CA GLY A 55 7.35 -4.68 -7.74
C GLY A 55 5.98 -5.15 -8.20
N THR A 56 5.63 -6.36 -7.80
CA THR A 56 4.32 -6.93 -8.06
C THR A 56 3.49 -6.95 -6.78
N TRP A 57 2.18 -6.82 -6.92
CA TRP A 57 1.28 -6.80 -5.76
C TRP A 57 0.19 -7.86 -5.90
N THR A 58 -0.15 -8.50 -4.79
CA THR A 58 -1.17 -9.53 -4.77
C THR A 58 -2.13 -9.32 -3.59
N MET A 59 -3.41 -9.58 -3.81
CA MET A 59 -4.37 -9.60 -2.71
C MET A 59 -5.10 -10.94 -2.69
N GLU A 60 -4.74 -11.77 -1.73
CA GLU A 60 -5.36 -13.06 -1.58
C GLU A 60 -6.34 -13.03 -0.43
N GLY A 61 -7.63 -13.07 -0.75
CA GLY A 61 -8.66 -12.95 0.26
C GLY A 61 -8.67 -11.58 0.90
N ASN A 62 -8.16 -11.52 2.12
CA ASN A 62 -8.00 -10.26 2.84
C ASN A 62 -6.55 -10.11 3.27
N LYS A 63 -5.65 -10.48 2.37
CA LYS A 63 -4.23 -10.34 2.61
C LYS A 63 -3.60 -9.55 1.49
N LEU A 64 -2.87 -8.54 1.88
CA LEU A 64 -2.20 -7.64 0.97
C LEU A 64 -0.71 -7.91 1.03
N VAL A 65 -0.13 -8.25 -0.10
CA VAL A 65 1.23 -8.74 -0.12
C VAL A 65 1.83 -8.60 -1.51
N GLY A 66 3.13 -8.48 -1.59
CA GLY A 66 3.80 -8.38 -2.86
C GLY A 66 5.29 -8.39 -2.71
N LYS A 67 5.98 -7.73 -3.62
CA LYS A 67 7.43 -7.60 -3.54
C LYS A 67 7.87 -6.45 -4.42
N PHE A 68 8.27 -5.36 -3.79
CA PHE A 68 8.74 -4.19 -4.51
C PHE A 68 10.18 -3.93 -4.15
N LYS A 69 10.93 -3.35 -5.07
CA LYS A 69 12.32 -3.09 -4.82
C LYS A 69 12.64 -1.60 -4.96
N ARG A 70 13.25 -1.07 -3.91
CA ARG A 70 13.62 0.34 -3.84
C ARG A 70 15.07 0.51 -4.29
N VAL A 71 15.25 1.05 -5.48
CA VAL A 71 16.57 1.14 -6.09
C VAL A 71 17.54 2.04 -5.29
N ASP A 72 17.04 3.15 -4.77
CA ASP A 72 17.89 4.08 -4.00
C ASP A 72 18.45 3.42 -2.74
N ASN A 73 17.63 2.59 -2.10
CA ASN A 73 18.08 1.83 -0.93
C ASN A 73 19.06 0.75 -1.34
N GLY A 74 18.66 0.02 -2.37
CA GLY A 74 19.47 -1.04 -2.92
C GLY A 74 18.67 -1.80 -3.95
N LYS A 75 17.61 -2.44 -3.47
CA LYS A 75 16.61 -3.05 -4.34
C LYS A 75 15.55 -3.80 -3.54
N GLU A 76 14.92 -3.12 -2.59
CA GLU A 76 13.83 -3.75 -1.83
C GLU A 76 13.03 -2.75 -0.99
N LEU A 77 11.72 -2.96 -0.98
CA LEU A 77 10.80 -2.29 -0.06
C LEU A 77 9.45 -2.99 -0.20
N ILE A 78 9.12 -3.82 0.78
CA ILE A 78 7.96 -4.70 0.64
C ILE A 78 6.90 -4.42 1.70
N ALA A 79 5.66 -4.28 1.26
CA ALA A 79 4.54 -4.13 2.18
C ALA A 79 3.72 -5.41 2.23
N VAL A 80 3.45 -5.90 3.43
CA VAL A 80 2.67 -7.13 3.61
C VAL A 80 1.74 -6.97 4.80
N ARG A 81 0.45 -7.26 4.61
CA ARG A 81 -0.52 -7.12 5.70
C ARG A 81 -1.83 -7.80 5.38
N GLU A 82 -2.50 -8.27 6.42
CA GLU A 82 -3.86 -8.78 6.29
C GLU A 82 -4.85 -7.79 6.87
N ILE A 83 -6.13 -7.97 6.58
CA ILE A 83 -7.17 -7.09 7.10
C ILE A 83 -7.87 -7.78 8.26
N SER A 84 -7.88 -7.14 9.42
CA SER A 84 -8.55 -7.70 10.59
C SER A 84 -9.82 -6.92 10.89
N GLY A 85 -10.97 -7.61 10.92
CA GLY A 85 -12.24 -6.93 11.09
C GLY A 85 -12.44 -5.88 10.03
N ASN A 86 -12.65 -4.64 10.46
CA ASN A 86 -12.52 -3.54 9.53
C ASN A 86 -11.49 -2.55 10.06
N GLU A 87 -10.28 -2.70 9.56
CA GLU A 87 -9.17 -1.84 9.91
C GLU A 87 -8.03 -2.14 8.94
N LEU A 88 -7.02 -1.31 8.90
CA LEU A 88 -5.88 -1.60 8.05
C LEU A 88 -4.58 -1.27 8.74
N ILE A 89 -3.70 -2.24 8.76
CA ILE A 89 -2.33 -2.03 9.22
C ILE A 89 -1.43 -1.99 8.00
N GLN A 90 -0.34 -1.26 8.07
CA GLN A 90 0.53 -1.12 6.92
C GLN A 90 1.97 -1.39 7.32
N THR A 91 2.53 -2.47 6.80
CA THR A 91 3.87 -2.87 7.15
C THR A 91 4.85 -2.58 6.03
N TYR A 92 5.90 -1.86 6.36
CA TYR A 92 7.00 -1.64 5.45
C TYR A 92 8.17 -2.52 5.84
N THR A 93 8.41 -3.55 5.07
CA THR A 93 9.47 -4.51 5.35
C THR A 93 10.65 -4.27 4.42
N TYR A 94 11.84 -4.27 4.98
CA TYR A 94 13.05 -4.03 4.19
C TYR A 94 14.22 -4.83 4.72
N GLU A 95 14.78 -5.67 3.83
CA GLU A 95 15.94 -6.51 4.13
C GLU A 95 15.59 -7.62 5.14
N GLY A 96 15.16 -7.22 6.32
CA GLY A 96 14.76 -8.17 7.33
C GLY A 96 14.17 -7.48 8.55
N VAL A 97 13.52 -6.35 8.30
CA VAL A 97 12.87 -5.60 9.38
C VAL A 97 11.46 -5.23 8.97
N GLU A 98 10.50 -5.50 9.83
CA GLU A 98 9.12 -5.12 9.57
C GLU A 98 8.66 -4.05 10.55
N ALA A 99 8.16 -2.95 10.01
CA ALA A 99 7.60 -1.88 10.81
C ALA A 99 6.23 -1.51 10.26
N LYS A 100 5.23 -1.54 11.12
CA LYS A 100 3.86 -1.35 10.67
C LYS A 100 3.11 -0.31 11.49
N ARG A 101 2.36 0.53 10.80
CA ARG A 101 1.56 1.55 11.45
C ARG A 101 0.10 1.14 11.44
N ILE A 102 -0.67 1.65 12.38
CA ILE A 102 -2.06 1.23 12.56
C ILE A 102 -3.04 2.25 11.97
N PHE A 103 -4.05 1.71 11.26
CA PHE A 103 -5.11 2.50 10.64
C PHE A 103 -6.40 1.71 10.72
N LYS A 104 -7.53 2.35 10.44
CA LYS A 104 -8.82 1.68 10.53
C LYS A 104 -9.75 2.12 9.40
N LYS A 105 -10.81 1.34 9.17
CA LYS A 105 -11.81 1.70 8.17
C LYS A 105 -12.59 2.92 8.66
N GLU A 106 -12.73 3.90 7.79
CA GLU A 106 -13.42 5.13 8.14
C GLU A 106 -14.89 4.83 8.43
N ALA A 1 -13.89 -5.94 -1.84
CA ALA A 1 -12.56 -5.71 -1.21
C ALA A 1 -12.60 -4.46 -0.34
N PHE A 2 -11.75 -3.47 -0.63
CA PHE A 2 -11.78 -2.22 0.11
C PHE A 2 -12.99 -1.39 -0.29
N ASP A 3 -12.89 -0.75 -1.47
CA ASP A 3 -13.96 0.13 -1.99
C ASP A 3 -14.56 0.99 -0.88
N GLY A 4 -13.66 1.54 -0.09
CA GLY A 4 -14.03 2.28 1.09
C GLY A 4 -12.87 3.08 1.62
N THR A 5 -13.13 3.96 2.56
CA THR A 5 -12.09 4.80 3.11
C THR A 5 -11.61 4.24 4.44
N TRP A 6 -10.30 4.09 4.58
CA TRP A 6 -9.71 3.51 5.79
C TRP A 6 -8.50 4.32 6.23
N LYS A 7 -8.65 5.13 7.26
CA LYS A 7 -7.55 5.94 7.75
C LYS A 7 -7.86 6.53 9.13
N VAL A 8 -6.83 7.08 9.76
CA VAL A 8 -6.94 7.66 11.09
C VAL A 8 -7.02 9.19 10.97
N GLY A 9 -7.62 9.84 11.97
CA GLY A 9 -7.84 11.28 11.93
C GLY A 9 -6.61 12.07 11.52
N GLY A 10 -6.82 13.10 10.71
CA GLY A 10 -5.73 13.87 10.17
C GLY A 10 -5.34 13.39 8.79
N LEU A 11 -5.41 12.09 8.59
CA LEU A 11 -5.09 11.48 7.31
C LEU A 11 -6.36 10.94 6.67
N LYS A 12 -6.29 10.63 5.38
CA LYS A 12 -7.41 10.03 4.68
C LYS A 12 -6.90 9.02 3.67
N LEU A 13 -7.68 7.98 3.43
CA LEU A 13 -7.26 6.88 2.57
C LEU A 13 -8.48 6.26 1.90
N THR A 14 -8.39 6.06 0.61
CA THR A 14 -9.48 5.49 -0.17
C THR A 14 -8.92 4.57 -1.24
N ILE A 15 -9.54 3.42 -1.41
CA ILE A 15 -9.15 2.45 -2.42
C ILE A 15 -10.39 1.98 -3.18
N THR A 16 -10.27 1.83 -4.49
CA THR A 16 -11.40 1.41 -5.32
C THR A 16 -10.97 0.32 -6.30
N GLN A 17 -11.74 -0.77 -6.34
CA GLN A 17 -11.37 -1.99 -7.07
C GLN A 17 -12.61 -2.88 -7.27
N GLU A 18 -12.49 -3.90 -8.09
CA GLU A 18 -13.56 -4.85 -8.37
C GLU A 18 -13.00 -6.09 -9.10
N GLY A 19 -12.04 -6.77 -8.45
CA GLY A 19 -11.22 -7.75 -9.17
C GLY A 19 -10.33 -6.97 -10.11
N ASN A 20 -9.49 -6.18 -9.47
CA ASN A 20 -9.13 -4.92 -10.08
C ASN A 20 -7.76 -4.40 -9.78
N LYS A 21 -7.61 -3.18 -10.21
CA LYS A 21 -6.45 -2.39 -10.02
C LYS A 21 -6.73 -1.52 -8.82
N PHE A 22 -5.87 -1.62 -7.84
CA PHE A 22 -6.15 -1.05 -6.56
C PHE A 22 -5.38 0.24 -6.42
N THR A 23 -6.12 1.31 -6.27
CA THR A 23 -5.54 2.63 -6.15
C THR A 23 -5.69 3.11 -4.72
N VAL A 24 -4.58 3.47 -4.11
CA VAL A 24 -4.56 3.87 -2.72
C VAL A 24 -4.43 5.37 -2.62
N LYS A 25 -5.25 5.98 -1.79
CA LYS A 25 -5.21 7.41 -1.60
C LYS A 25 -4.49 7.72 -0.29
N GLU A 26 -3.27 8.19 -0.41
CA GLU A 26 -2.46 8.49 0.75
C GLU A 26 -2.39 10.00 0.95
N SER A 27 -2.50 10.42 2.19
CA SER A 27 -2.47 11.84 2.53
C SER A 27 -1.92 12.02 3.93
N SER A 28 -1.03 12.97 4.09
CA SER A 28 -0.39 13.21 5.38
C SER A 28 0.04 14.65 5.53
N ASN A 29 -0.63 15.36 6.44
CA ASN A 29 -0.30 16.74 6.83
C ASN A 29 -0.51 17.75 5.70
N PHE A 30 0.22 17.60 4.61
CA PHE A 30 0.16 18.55 3.51
C PHE A 30 0.67 17.93 2.21
N ARG A 31 0.24 16.72 1.93
CA ARG A 31 0.66 16.04 0.72
C ARG A 31 -0.32 14.91 0.39
N ASN A 32 -0.68 14.81 -0.88
CA ASN A 32 -1.63 13.80 -1.33
C ASN A 32 -1.03 13.00 -2.47
N ILE A 33 -1.10 11.68 -2.35
CA ILE A 33 -0.46 10.79 -3.31
C ILE A 33 -1.26 9.50 -3.49
N ASP A 34 -1.44 9.09 -4.73
CA ASP A 34 -2.15 7.86 -5.04
C ASP A 34 -1.20 6.78 -5.50
N VAL A 35 -1.42 5.57 -5.01
CA VAL A 35 -0.62 4.42 -5.41
C VAL A 35 -1.48 3.46 -6.20
N VAL A 36 -1.23 3.36 -7.50
CA VAL A 36 -2.04 2.50 -8.35
C VAL A 36 -1.27 1.25 -8.76
N PHE A 37 -1.93 0.10 -8.62
CA PHE A 37 -1.34 -1.20 -8.93
C PHE A 37 -2.44 -2.18 -9.30
N GLU A 38 -2.20 -3.02 -10.29
CA GLU A 38 -3.24 -3.90 -10.80
C GLU A 38 -3.10 -5.29 -10.22
N LEU A 39 -4.24 -5.92 -9.95
CA LEU A 39 -4.30 -7.22 -9.30
C LEU A 39 -3.43 -8.25 -10.02
N GLY A 40 -2.38 -8.68 -9.33
CA GLY A 40 -1.48 -9.69 -9.86
C GLY A 40 -0.64 -9.18 -11.02
N VAL A 41 -0.15 -7.94 -10.91
CA VAL A 41 0.68 -7.37 -11.96
C VAL A 41 2.02 -6.92 -11.38
N ASP A 42 3.10 -7.19 -12.11
CA ASP A 42 4.43 -6.75 -11.71
C ASP A 42 4.87 -5.61 -12.60
N PHE A 43 5.40 -4.57 -11.99
CA PHE A 43 5.64 -3.31 -12.71
C PHE A 43 6.58 -2.42 -11.93
N ALA A 44 7.11 -1.41 -12.60
CA ALA A 44 7.91 -0.40 -11.95
C ALA A 44 7.09 0.88 -11.81
N TYR A 45 7.10 1.46 -10.62
CA TYR A 45 6.30 2.64 -10.35
C TYR A 45 7.05 3.59 -9.42
N SER A 46 6.96 4.88 -9.69
CA SER A 46 7.61 5.86 -8.86
C SER A 46 6.59 6.53 -7.95
N LEU A 47 6.89 6.55 -6.66
CA LEU A 47 6.02 7.16 -5.68
C LEU A 47 6.65 8.43 -5.12
N ALA A 48 5.82 9.48 -5.01
CA ALA A 48 6.27 10.79 -4.55
C ALA A 48 7.37 11.33 -5.46
N ASP A 49 7.38 10.84 -6.70
CA ASP A 49 8.37 11.24 -7.70
C ASP A 49 9.79 11.10 -7.16
N GLY A 50 10.02 10.04 -6.40
CA GLY A 50 11.33 9.83 -5.82
C GLY A 50 11.67 8.36 -5.66
N THR A 51 10.81 7.61 -4.98
CA THR A 51 11.01 6.18 -4.85
C THR A 51 10.61 5.48 -6.13
N GLU A 52 11.38 4.49 -6.55
CA GLU A 52 11.07 3.76 -7.76
C GLU A 52 10.99 2.27 -7.45
N LEU A 53 9.78 1.78 -7.28
CA LEU A 53 9.58 0.39 -6.88
C LEU A 53 9.14 -0.47 -8.04
N THR A 54 9.91 -1.53 -8.29
CA THR A 54 9.51 -2.54 -9.27
C THR A 54 9.02 -3.77 -8.52
N GLY A 55 7.74 -4.09 -8.63
CA GLY A 55 7.22 -5.20 -7.87
C GLY A 55 5.84 -5.65 -8.32
N THR A 56 5.45 -6.82 -7.85
CA THR A 56 4.13 -7.37 -8.13
C THR A 56 3.27 -7.34 -6.87
N TRP A 57 1.97 -7.12 -7.04
CA TRP A 57 1.07 -7.03 -5.90
C TRP A 57 -0.13 -7.96 -6.08
N THR A 58 -0.51 -8.67 -5.02
CA THR A 58 -1.68 -9.54 -5.05
C THR A 58 -2.55 -9.32 -3.83
N MET A 59 -3.84 -9.12 -4.05
CA MET A 59 -4.81 -9.03 -2.98
C MET A 59 -5.66 -10.28 -2.96
N GLU A 60 -5.41 -11.17 -2.01
CA GLU A 60 -6.13 -12.43 -1.95
C GLU A 60 -7.18 -12.41 -0.85
N GLY A 61 -8.44 -12.25 -1.25
CA GLY A 61 -9.54 -12.24 -0.30
C GLY A 61 -9.57 -11.00 0.56
N ASN A 62 -8.56 -10.87 1.42
CA ASN A 62 -8.47 -9.78 2.37
C ASN A 62 -7.06 -9.74 2.93
N LYS A 63 -6.11 -9.94 2.03
CA LYS A 63 -4.69 -9.96 2.39
C LYS A 63 -3.88 -9.29 1.30
N LEU A 64 -3.09 -8.31 1.72
CA LEU A 64 -2.31 -7.51 0.81
C LEU A 64 -0.85 -7.96 0.85
N VAL A 65 -0.43 -8.68 -0.17
CA VAL A 65 0.91 -9.26 -0.20
C VAL A 65 1.56 -9.03 -1.55
N GLY A 66 2.83 -8.65 -1.52
CA GLY A 66 3.59 -8.48 -2.74
C GLY A 66 5.06 -8.29 -2.43
N LYS A 67 5.78 -7.68 -3.35
CA LYS A 67 7.18 -7.38 -3.16
C LYS A 67 7.67 -6.41 -4.20
N PHE A 68 8.16 -5.26 -3.76
CA PHE A 68 8.64 -4.23 -4.65
C PHE A 68 10.11 -3.91 -4.36
N LYS A 69 10.85 -3.56 -5.40
CA LYS A 69 12.26 -3.25 -5.28
C LYS A 69 12.48 -1.74 -5.36
N ARG A 70 13.17 -1.19 -4.37
CA ARG A 70 13.44 0.23 -4.32
C ARG A 70 14.94 0.49 -4.18
N VAL A 71 15.57 0.83 -5.28
CA VAL A 71 17.00 1.16 -5.27
C VAL A 71 17.23 2.49 -4.55
N ASP A 72 16.15 3.25 -4.38
CA ASP A 72 16.18 4.56 -3.70
C ASP A 72 16.42 4.42 -2.19
N ASN A 73 17.05 3.33 -1.80
CA ASN A 73 17.41 3.08 -0.40
C ASN A 73 18.26 1.83 -0.31
N GLY A 74 17.87 0.82 -1.08
CA GLY A 74 18.66 -0.39 -1.19
C GLY A 74 18.26 -1.17 -2.41
N LYS A 75 17.21 -1.98 -2.27
CA LYS A 75 16.62 -2.66 -3.40
C LYS A 75 15.34 -3.40 -3.00
N GLU A 76 14.60 -2.82 -2.05
CA GLU A 76 13.34 -3.40 -1.62
C GLU A 76 12.50 -2.39 -0.86
N LEU A 77 11.20 -2.51 -1.01
CA LEU A 77 10.24 -1.75 -0.23
C LEU A 77 8.87 -2.38 -0.43
N ILE A 78 8.42 -3.09 0.58
CA ILE A 78 7.24 -3.91 0.47
C ILE A 78 6.15 -3.39 1.40
N ALA A 79 4.89 -3.56 1.00
CA ALA A 79 3.79 -3.28 1.87
C ALA A 79 2.95 -4.54 2.03
N VAL A 80 2.63 -4.89 3.27
CA VAL A 80 1.97 -6.16 3.53
C VAL A 80 1.07 -6.08 4.76
N ARG A 81 -0.21 -6.41 4.58
CA ARG A 81 -1.13 -6.47 5.70
C ARG A 81 -2.44 -7.12 5.31
N GLU A 82 -3.24 -7.49 6.30
CA GLU A 82 -4.54 -8.06 6.08
C GLU A 82 -5.60 -7.29 6.84
N ILE A 83 -6.79 -7.20 6.28
CA ILE A 83 -7.92 -6.74 7.06
C ILE A 83 -8.72 -7.96 7.41
N SER A 84 -9.02 -8.13 8.68
CA SER A 84 -9.80 -9.33 9.04
C SER A 84 -10.71 -9.08 10.22
N GLY A 85 -11.98 -8.81 9.92
CA GLY A 85 -12.94 -8.47 10.96
C GLY A 85 -12.36 -7.35 11.79
N ASN A 86 -11.72 -6.46 11.05
CA ASN A 86 -10.76 -5.57 11.60
C ASN A 86 -10.50 -4.50 10.57
N GLU A 87 -9.73 -3.56 11.00
CA GLU A 87 -9.36 -2.43 10.27
C GLU A 87 -7.92 -2.64 9.79
N LEU A 88 -7.47 -1.82 8.89
CA LEU A 88 -6.27 -2.13 8.16
C LEU A 88 -5.04 -1.48 8.76
N ILE A 89 -4.04 -2.31 8.97
CA ILE A 89 -2.73 -1.88 9.40
C ILE A 89 -1.83 -1.88 8.16
N GLN A 90 -0.69 -1.21 8.21
CA GLN A 90 0.13 -1.12 7.03
C GLN A 90 1.61 -1.30 7.36
N THR A 91 2.22 -2.33 6.79
CA THR A 91 3.61 -2.63 7.03
C THR A 91 4.47 -2.24 5.84
N TYR A 92 5.57 -1.58 6.13
CA TYR A 92 6.60 -1.36 5.14
C TYR A 92 7.77 -2.30 5.45
N THR A 93 7.93 -3.30 4.61
CA THR A 93 8.93 -4.33 4.82
C THR A 93 10.13 -4.12 3.92
N TYR A 94 11.32 -4.24 4.50
CA TYR A 94 12.57 -4.08 3.75
C TYR A 94 13.63 -4.99 4.34
N GLU A 95 14.18 -5.86 3.49
CA GLU A 95 15.21 -6.80 3.91
C GLU A 95 14.72 -7.66 5.08
N GLY A 96 13.48 -8.12 4.97
CA GLY A 96 12.90 -8.98 5.99
C GLY A 96 12.62 -8.26 7.30
N VAL A 97 12.65 -6.94 7.28
CA VAL A 97 12.35 -6.15 8.47
C VAL A 97 10.97 -5.55 8.36
N GLU A 98 10.20 -5.62 9.43
CA GLU A 98 8.86 -5.10 9.43
C GLU A 98 8.77 -3.79 10.19
N ALA A 99 8.09 -2.82 9.59
CA ALA A 99 7.82 -1.53 10.21
C ALA A 99 6.40 -1.13 9.87
N LYS A 100 5.54 -1.09 10.88
CA LYS A 100 4.11 -0.96 10.63
C LYS A 100 3.47 0.17 11.42
N ARG A 101 2.44 0.74 10.83
CA ARG A 101 1.61 1.73 11.48
C ARG A 101 0.17 1.23 11.45
N ILE A 102 -0.59 1.47 12.50
CA ILE A 102 -1.92 0.90 12.61
C ILE A 102 -2.98 1.92 12.24
N PHE A 103 -3.84 1.51 11.32
CA PHE A 103 -4.90 2.36 10.81
C PHE A 103 -6.25 1.67 11.02
N LYS A 104 -7.31 2.42 10.83
CA LYS A 104 -8.65 1.88 10.97
C LYS A 104 -9.55 2.50 9.91
N LYS A 105 -10.71 1.92 9.68
CA LYS A 105 -11.64 2.43 8.67
C LYS A 105 -11.93 3.92 8.93
N GLU A 106 -11.85 4.72 7.87
CA GLU A 106 -11.98 6.16 7.99
C GLU A 106 -13.41 6.54 8.34
N ALA A 1 -15.93 -5.48 -1.93
CA ALA A 1 -14.54 -5.33 -1.44
C ALA A 1 -14.41 -4.06 -0.61
N PHE A 2 -13.38 -3.26 -0.88
CA PHE A 2 -13.14 -2.02 -0.15
C PHE A 2 -14.06 -0.90 -0.65
N ASP A 3 -13.49 0.05 -1.40
CA ASP A 3 -14.23 1.25 -1.84
C ASP A 3 -14.65 2.06 -0.62
N GLY A 4 -13.65 2.45 0.16
CA GLY A 4 -13.90 3.10 1.42
C GLY A 4 -12.67 3.76 1.97
N THR A 5 -12.84 4.61 2.97
CA THR A 5 -11.73 5.32 3.56
C THR A 5 -11.30 4.68 4.88
N TRP A 6 -10.01 4.38 5.00
CA TRP A 6 -9.47 3.71 6.20
C TRP A 6 -8.23 4.45 6.67
N LYS A 7 -8.36 5.28 7.72
CA LYS A 7 -7.23 6.07 8.18
C LYS A 7 -7.50 6.70 9.54
N VAL A 8 -6.45 7.30 10.12
CA VAL A 8 -6.54 7.96 11.41
C VAL A 8 -6.66 9.47 11.19
N GLY A 9 -7.41 10.13 12.08
CA GLY A 9 -7.71 11.55 11.94
C GLY A 9 -6.50 12.40 11.57
N GLY A 10 -6.73 13.37 10.68
CA GLY A 10 -5.65 14.17 10.16
C GLY A 10 -5.16 13.64 8.83
N LEU A 11 -5.11 12.31 8.73
CA LEU A 11 -4.74 11.65 7.49
C LEU A 11 -5.99 11.07 6.86
N LYS A 12 -5.90 10.69 5.59
CA LYS A 12 -6.99 10.01 4.93
C LYS A 12 -6.47 9.00 3.93
N LEU A 13 -7.15 7.88 3.84
CA LEU A 13 -6.74 6.79 2.97
C LEU A 13 -7.98 6.21 2.32
N THR A 14 -7.92 5.97 1.02
CA THR A 14 -9.04 5.44 0.29
C THR A 14 -8.58 4.32 -0.63
N ILE A 15 -9.16 3.15 -0.46
CA ILE A 15 -8.84 2.03 -1.31
C ILE A 15 -10.02 1.72 -2.18
N THR A 16 -9.85 1.89 -3.48
CA THR A 16 -10.93 1.72 -4.42
C THR A 16 -10.57 0.68 -5.46
N GLN A 17 -11.55 -0.10 -5.89
CA GLN A 17 -11.31 -1.11 -6.92
C GLN A 17 -12.34 -1.01 -8.03
N GLU A 18 -11.84 -1.05 -9.26
CA GLU A 18 -12.70 -1.09 -10.43
C GLU A 18 -12.68 -2.50 -11.00
N GLY A 19 -13.57 -3.35 -10.49
CA GLY A 19 -13.47 -4.76 -10.76
C GLY A 19 -12.34 -5.36 -9.96
N ASN A 20 -11.22 -5.63 -10.63
CA ASN A 20 -10.00 -5.92 -9.92
C ASN A 20 -8.90 -4.98 -10.41
N LYS A 21 -8.76 -3.89 -9.67
CA LYS A 21 -7.70 -2.90 -9.84
C LYS A 21 -7.77 -1.98 -8.63
N PHE A 22 -6.84 -2.11 -7.73
CA PHE A 22 -6.94 -1.40 -6.47
C PHE A 22 -6.03 -0.20 -6.42
N THR A 23 -6.61 0.94 -6.07
CA THR A 23 -5.84 2.16 -5.89
C THR A 23 -5.92 2.58 -4.42
N VAL A 24 -4.76 2.85 -3.86
CA VAL A 24 -4.66 3.30 -2.48
C VAL A 24 -4.38 4.78 -2.46
N LYS A 25 -5.21 5.53 -1.77
CA LYS A 25 -5.05 6.97 -1.71
C LYS A 25 -4.40 7.33 -0.39
N GLU A 26 -3.16 7.78 -0.47
CA GLU A 26 -2.38 8.09 0.70
C GLU A 26 -2.30 9.58 0.93
N SER A 27 -2.47 9.97 2.18
CA SER A 27 -2.37 11.35 2.58
C SER A 27 -1.76 11.43 3.97
N SER A 28 -0.54 11.92 4.04
CA SER A 28 0.23 11.93 5.29
C SER A 28 1.32 13.00 5.21
N ASN A 29 1.69 13.52 6.38
CA ASN A 29 2.73 14.56 6.49
C ASN A 29 2.23 15.87 5.89
N PHE A 30 2.25 15.96 4.57
CA PHE A 30 1.73 17.10 3.85
C PHE A 30 1.65 16.71 2.38
N ARG A 31 1.08 15.53 2.17
CA ARG A 31 1.15 14.89 0.87
C ARG A 31 -0.13 14.13 0.59
N ASN A 32 -0.48 14.05 -0.68
CA ASN A 32 -1.62 13.27 -1.12
C ASN A 32 -1.33 12.65 -2.48
N ILE A 33 -1.27 11.33 -2.50
CA ILE A 33 -0.84 10.61 -3.69
C ILE A 33 -1.48 9.21 -3.72
N ASP A 34 -1.96 8.82 -4.90
CA ASP A 34 -2.65 7.56 -5.06
C ASP A 34 -1.75 6.53 -5.72
N VAL A 35 -1.78 5.30 -5.21
CA VAL A 35 -1.02 4.20 -5.79
C VAL A 35 -1.98 3.18 -6.35
N VAL A 36 -1.94 2.96 -7.65
CA VAL A 36 -2.84 2.01 -8.28
C VAL A 36 -2.10 0.75 -8.71
N PHE A 37 -2.71 -0.40 -8.47
CA PHE A 37 -2.10 -1.68 -8.78
C PHE A 37 -3.15 -2.73 -9.13
N GLU A 38 -2.82 -3.59 -10.06
CA GLU A 38 -3.72 -4.67 -10.43
C GLU A 38 -3.19 -5.97 -9.84
N LEU A 39 -4.12 -6.80 -9.38
CA LEU A 39 -3.78 -8.02 -8.66
C LEU A 39 -2.90 -8.94 -9.51
N GLY A 40 -1.72 -9.24 -8.97
CA GLY A 40 -0.79 -10.11 -9.66
C GLY A 40 -0.10 -9.44 -10.83
N VAL A 41 0.09 -8.14 -10.74
CA VAL A 41 0.78 -7.40 -11.79
C VAL A 41 2.03 -6.74 -11.24
N ASP A 42 3.11 -6.80 -12.01
CA ASP A 42 4.38 -6.22 -11.63
C ASP A 42 4.60 -4.93 -12.41
N PHE A 43 5.16 -3.93 -11.75
CA PHE A 43 5.29 -2.61 -12.36
C PHE A 43 6.29 -1.73 -11.62
N ALA A 44 6.92 -0.83 -12.35
CA ALA A 44 7.84 0.13 -11.77
C ALA A 44 7.17 1.50 -11.71
N TYR A 45 7.32 2.19 -10.59
CA TYR A 45 6.66 3.48 -10.42
C TYR A 45 7.36 4.30 -9.33
N SER A 46 7.31 5.61 -9.48
CA SER A 46 7.87 6.51 -8.49
C SER A 46 6.77 7.10 -7.63
N LEU A 47 6.92 6.95 -6.32
CA LEU A 47 5.94 7.42 -5.38
C LEU A 47 6.45 8.64 -4.62
N ALA A 48 5.63 9.69 -4.59
CA ALA A 48 5.96 10.93 -3.90
C ALA A 48 7.33 11.49 -4.30
N ASP A 49 7.71 11.25 -5.56
CA ASP A 49 8.97 11.74 -6.10
C ASP A 49 10.14 11.40 -5.19
N GLY A 50 10.19 10.15 -4.76
CA GLY A 50 11.25 9.74 -3.85
C GLY A 50 11.50 8.25 -3.89
N THR A 51 10.45 7.45 -3.75
CA THR A 51 10.61 6.01 -3.79
C THR A 51 10.35 5.49 -5.21
N GLU A 52 11.31 4.76 -5.77
CA GLU A 52 11.14 4.18 -7.08
C GLU A 52 11.05 2.67 -6.94
N LEU A 53 9.85 2.17 -6.79
CA LEU A 53 9.68 0.77 -6.50
C LEU A 53 9.24 -0.01 -7.73
N THR A 54 9.97 -1.06 -8.03
CA THR A 54 9.60 -2.00 -9.07
C THR A 54 9.14 -3.29 -8.41
N GLY A 55 7.85 -3.61 -8.53
CA GLY A 55 7.36 -4.75 -7.81
C GLY A 55 5.98 -5.20 -8.23
N THR A 56 5.63 -6.39 -7.80
CA THR A 56 4.32 -6.95 -8.08
C THR A 56 3.49 -7.02 -6.79
N TRP A 57 2.18 -6.78 -6.91
CA TRP A 57 1.28 -6.78 -5.76
C TRP A 57 0.21 -7.86 -5.94
N THR A 58 -0.07 -8.61 -4.90
CA THR A 58 -1.09 -9.64 -4.95
C THR A 58 -1.97 -9.60 -3.71
N MET A 59 -3.27 -9.73 -3.91
CA MET A 59 -4.19 -9.87 -2.80
C MET A 59 -4.64 -11.31 -2.66
N GLU A 60 -4.29 -11.93 -1.56
CA GLU A 60 -4.68 -13.29 -1.27
C GLU A 60 -5.82 -13.29 -0.27
N GLY A 61 -7.04 -13.50 -0.75
CA GLY A 61 -8.20 -13.39 0.11
C GLY A 61 -8.34 -11.97 0.64
N ASN A 62 -8.15 -11.81 1.94
CA ASN A 62 -8.11 -10.50 2.55
C ASN A 62 -6.71 -10.25 3.11
N LYS A 63 -5.72 -10.44 2.24
CA LYS A 63 -4.32 -10.25 2.59
C LYS A 63 -3.61 -9.53 1.46
N LEU A 64 -2.77 -8.61 1.83
CA LEU A 64 -2.07 -7.79 0.88
C LEU A 64 -0.59 -8.14 0.90
N VAL A 65 -0.16 -8.86 -0.13
CA VAL A 65 1.20 -9.37 -0.18
C VAL A 65 1.85 -9.01 -1.52
N GLY A 66 3.12 -8.65 -1.49
CA GLY A 66 3.81 -8.33 -2.71
C GLY A 66 5.31 -8.27 -2.51
N LYS A 67 5.99 -7.60 -3.41
CA LYS A 67 7.43 -7.44 -3.32
C LYS A 67 7.90 -6.34 -4.26
N PHE A 68 8.42 -5.26 -3.70
CA PHE A 68 8.85 -4.10 -4.47
C PHE A 68 10.31 -3.76 -4.16
N LYS A 69 11.01 -3.28 -5.18
CA LYS A 69 12.42 -2.95 -5.06
C LYS A 69 12.62 -1.44 -5.14
N ARG A 70 13.29 -0.89 -4.13
CA ARG A 70 13.62 0.53 -4.11
C ARG A 70 15.11 0.70 -3.93
N VAL A 71 15.79 1.06 -5.01
CA VAL A 71 17.24 1.12 -4.99
C VAL A 71 17.79 2.17 -4.03
N ASP A 72 17.10 3.30 -3.87
CA ASP A 72 17.62 4.40 -3.04
C ASP A 72 17.92 3.93 -1.61
N ASN A 73 17.02 3.14 -1.04
CA ASN A 73 17.18 2.69 0.35
C ASN A 73 18.08 1.47 0.44
N GLY A 74 17.75 0.43 -0.31
CA GLY A 74 18.54 -0.79 -0.29
C GLY A 74 17.99 -1.82 -1.24
N LYS A 75 17.55 -1.32 -2.40
CA LYS A 75 16.90 -2.11 -3.45
C LYS A 75 15.81 -3.03 -2.91
N GLU A 76 15.10 -2.55 -1.87
CA GLU A 76 13.96 -3.26 -1.30
C GLU A 76 13.07 -2.29 -0.54
N LEU A 77 11.77 -2.42 -0.75
CA LEU A 77 10.76 -1.69 0.00
C LEU A 77 9.41 -2.29 -0.31
N ILE A 78 8.87 -3.07 0.60
CA ILE A 78 7.65 -3.81 0.33
C ILE A 78 6.54 -3.38 1.29
N ALA A 79 5.31 -3.74 0.99
CA ALA A 79 4.20 -3.48 1.89
C ALA A 79 3.31 -4.72 1.95
N VAL A 80 3.24 -5.34 3.12
CA VAL A 80 2.48 -6.57 3.28
C VAL A 80 1.62 -6.51 4.54
N ARG A 81 0.33 -6.80 4.40
CA ARG A 81 -0.56 -6.79 5.55
C ARG A 81 -1.88 -7.49 5.25
N GLU A 82 -2.46 -8.10 6.29
CA GLU A 82 -3.77 -8.71 6.18
C GLU A 82 -4.81 -7.83 6.86
N ILE A 83 -6.08 -8.10 6.61
CA ILE A 83 -7.15 -7.32 7.21
C ILE A 83 -7.74 -8.12 8.38
N SER A 84 -7.71 -7.55 9.58
CA SER A 84 -8.25 -8.22 10.75
C SER A 84 -9.50 -7.50 11.23
N GLY A 85 -10.58 -8.26 11.42
CA GLY A 85 -11.87 -7.64 11.72
C GLY A 85 -12.25 -6.68 10.62
N ASN A 86 -12.49 -5.43 10.99
CA ASN A 86 -12.49 -4.40 9.98
C ASN A 86 -11.62 -3.25 10.45
N GLU A 87 -10.37 -3.29 10.01
CA GLU A 87 -9.40 -2.23 10.23
C GLU A 87 -8.17 -2.55 9.39
N LEU A 88 -7.43 -1.54 9.00
CA LEU A 88 -6.25 -1.77 8.19
C LEU A 88 -4.99 -1.33 8.90
N ILE A 89 -4.04 -2.24 8.99
CA ILE A 89 -2.71 -1.92 9.46
C ILE A 89 -1.80 -1.87 8.24
N GLN A 90 -0.80 -1.04 8.28
CA GLN A 90 0.04 -0.85 7.11
C GLN A 90 1.50 -1.10 7.44
N THR A 91 2.06 -2.14 6.84
CA THR A 91 3.44 -2.51 7.10
C THR A 91 4.33 -2.24 5.90
N TYR A 92 5.46 -1.61 6.17
CA TYR A 92 6.52 -1.46 5.20
C TYR A 92 7.57 -2.50 5.53
N THR A 93 7.79 -3.39 4.59
CA THR A 93 8.59 -4.56 4.86
C THR A 93 10.00 -4.39 4.32
N TYR A 94 10.98 -4.67 5.18
CA TYR A 94 12.37 -4.40 4.86
C TYR A 94 13.30 -5.11 5.82
N GLU A 95 14.49 -5.49 5.33
CA GLU A 95 15.48 -6.22 6.11
C GLU A 95 14.78 -7.39 6.77
N GLY A 96 14.02 -8.10 5.95
CA GLY A 96 13.07 -9.04 6.47
C GLY A 96 11.67 -8.68 6.06
N VAL A 97 10.88 -8.21 7.04
CA VAL A 97 9.52 -7.73 6.79
C VAL A 97 8.92 -7.06 8.04
N GLU A 98 9.10 -5.73 8.25
CA GLU A 98 8.22 -5.02 9.21
C GLU A 98 8.48 -3.52 9.38
N ALA A 99 7.39 -2.77 9.30
CA ALA A 99 7.32 -1.37 9.75
C ALA A 99 5.87 -0.96 9.72
N LYS A 100 5.21 -0.90 10.87
CA LYS A 100 3.75 -0.85 10.83
C LYS A 100 3.14 0.31 11.60
N ARG A 101 2.12 0.88 10.98
CA ARG A 101 1.27 1.89 11.60
C ARG A 101 -0.18 1.40 11.50
N ILE A 102 -1.00 1.68 12.50
CA ILE A 102 -2.34 1.12 12.54
C ILE A 102 -3.38 2.15 12.12
N PHE A 103 -4.20 1.77 11.14
CA PHE A 103 -5.27 2.62 10.66
C PHE A 103 -6.60 1.90 10.82
N LYS A 104 -7.69 2.63 10.69
CA LYS A 104 -9.01 2.05 10.92
C LYS A 104 -10.02 2.62 9.94
N LYS A 105 -11.08 1.87 9.69
CA LYS A 105 -12.08 2.27 8.72
C LYS A 105 -12.75 3.59 9.17
N GLU A 106 -12.74 4.55 8.28
CA GLU A 106 -13.40 5.82 8.52
C GLU A 106 -14.66 5.90 7.67
N ALA A 1 -9.55 -4.64 -1.98
CA ALA A 1 -10.22 -3.69 -2.89
C ALA A 1 -9.82 -2.26 -2.54
N PHE A 2 -9.13 -1.54 -3.46
CA PHE A 2 -8.53 -0.23 -3.12
C PHE A 2 -9.03 0.92 -4.03
N ASP A 3 -9.48 2.05 -3.37
CA ASP A 3 -10.20 3.22 -3.95
C ASP A 3 -11.35 3.71 -3.01
N GLY A 4 -11.06 3.89 -1.70
CA GLY A 4 -12.10 4.23 -0.69
C GLY A 4 -11.45 4.70 0.61
N THR A 5 -12.14 5.25 1.58
CA THR A 5 -11.37 5.87 2.67
C THR A 5 -11.30 5.04 3.98
N TRP A 6 -10.06 4.74 4.40
CA TRP A 6 -9.78 4.25 5.77
C TRP A 6 -8.61 5.04 6.34
N LYS A 7 -8.82 5.86 7.37
CA LYS A 7 -7.67 6.54 7.97
C LYS A 7 -8.03 7.22 9.29
N VAL A 8 -7.00 7.68 9.99
CA VAL A 8 -7.14 8.38 11.25
C VAL A 8 -7.02 9.88 11.01
N GLY A 9 -7.80 10.66 11.76
CA GLY A 9 -7.86 12.10 11.55
C GLY A 9 -6.50 12.76 11.40
N GLY A 10 -6.35 13.51 10.32
CA GLY A 10 -5.07 14.11 10.01
C GLY A 10 -4.47 13.50 8.76
N LEU A 11 -4.73 12.22 8.55
CA LEU A 11 -4.23 11.51 7.40
C LEU A 11 -5.38 11.01 6.55
N LYS A 12 -5.08 10.61 5.33
CA LYS A 12 -6.08 9.99 4.46
C LYS A 12 -5.49 8.74 3.82
N LEU A 13 -6.33 7.75 3.59
CA LEU A 13 -5.90 6.51 2.95
C LEU A 13 -7.06 5.95 2.15
N THR A 14 -6.83 5.79 0.87
CA THR A 14 -7.85 5.37 -0.04
C THR A 14 -7.70 3.91 -0.47
N ILE A 15 -8.75 3.14 -0.17
CA ILE A 15 -8.84 1.74 -0.46
C ILE A 15 -10.34 1.29 -0.48
N THR A 16 -10.88 1.06 -1.65
CA THR A 16 -12.18 0.44 -1.79
C THR A 16 -12.49 0.19 -3.27
N GLN A 17 -12.50 -1.05 -3.70
CA GLN A 17 -12.63 -1.30 -5.12
C GLN A 17 -14.02 -1.77 -5.56
N GLU A 18 -14.31 -1.58 -6.84
CA GLU A 18 -15.49 -2.13 -7.50
C GLU A 18 -15.59 -3.64 -7.32
N GLY A 19 -14.44 -4.30 -7.39
CA GLY A 19 -14.39 -5.73 -7.18
C GLY A 19 -12.96 -6.21 -7.12
N ASN A 20 -12.19 -5.86 -8.15
CA ASN A 20 -10.75 -6.11 -8.13
C ASN A 20 -10.03 -5.03 -8.94
N LYS A 21 -9.57 -4.00 -8.23
CA LYS A 21 -8.75 -2.92 -8.78
C LYS A 21 -8.24 -2.13 -7.58
N PHE A 22 -6.99 -1.87 -7.52
CA PHE A 22 -6.42 -1.41 -6.29
C PHE A 22 -5.73 -0.07 -6.44
N THR A 23 -6.40 0.96 -5.98
CA THR A 23 -5.78 2.26 -5.80
C THR A 23 -5.63 2.55 -4.31
N VAL A 24 -4.40 2.61 -3.85
CA VAL A 24 -4.14 2.90 -2.46
C VAL A 24 -3.69 4.34 -2.34
N LYS A 25 -4.40 5.12 -1.56
CA LYS A 25 -3.97 6.49 -1.35
C LYS A 25 -3.30 6.61 0.01
N GLU A 26 -2.01 6.84 0.00
CA GLU A 26 -1.27 6.94 1.24
C GLU A 26 -0.94 8.40 1.55
N SER A 27 -0.98 8.75 2.83
CA SER A 27 -0.77 10.14 3.25
C SER A 27 -0.27 10.20 4.69
N SER A 28 0.72 11.06 4.93
CA SER A 28 1.29 11.24 6.25
C SER A 28 1.99 12.60 6.35
N ASN A 29 1.73 13.31 7.45
CA ASN A 29 2.35 14.62 7.74
C ASN A 29 1.95 15.70 6.73
N PHE A 30 2.45 15.58 5.50
CA PHE A 30 2.15 16.57 4.46
C PHE A 30 2.44 15.98 3.09
N ARG A 31 1.95 14.77 2.88
CA ARG A 31 2.10 14.09 1.61
C ARG A 31 0.88 13.25 1.34
N ASN A 32 0.53 13.13 0.07
CA ASN A 32 -0.63 12.37 -0.34
C ASN A 32 -0.43 11.83 -1.74
N ILE A 33 -0.58 10.52 -1.88
CA ILE A 33 -0.25 9.86 -3.13
C ILE A 33 -1.10 8.61 -3.33
N ASP A 34 -1.67 8.47 -4.52
CA ASP A 34 -2.48 7.30 -4.84
C ASP A 34 -1.70 6.38 -5.74
N VAL A 35 -1.56 5.13 -5.32
CA VAL A 35 -0.91 4.12 -6.12
C VAL A 35 -1.98 3.21 -6.72
N VAL A 36 -2.06 3.19 -8.03
CA VAL A 36 -3.10 2.40 -8.70
C VAL A 36 -2.49 1.16 -9.35
N PHE A 37 -3.08 0.01 -9.05
CA PHE A 37 -2.56 -1.28 -9.51
C PHE A 37 -3.64 -2.34 -9.47
N GLU A 38 -3.52 -3.33 -10.34
CA GLU A 38 -4.46 -4.43 -10.37
C GLU A 38 -3.79 -5.68 -9.83
N LEU A 39 -4.59 -6.64 -9.40
CA LEU A 39 -4.08 -7.85 -8.78
C LEU A 39 -3.29 -8.68 -9.78
N GLY A 40 -2.07 -9.04 -9.41
CA GLY A 40 -1.21 -9.84 -10.26
C GLY A 40 -0.54 -9.02 -11.34
N VAL A 41 -0.17 -7.79 -11.01
CA VAL A 41 0.52 -6.90 -11.95
C VAL A 41 1.84 -6.43 -11.37
N ASP A 42 2.89 -6.50 -12.17
CA ASP A 42 4.20 -5.97 -11.79
C ASP A 42 4.41 -4.66 -12.53
N PHE A 43 4.95 -3.66 -11.84
CA PHE A 43 5.07 -2.34 -12.41
C PHE A 43 6.18 -1.55 -11.73
N ALA A 44 6.85 -0.72 -12.52
CA ALA A 44 7.90 0.16 -12.00
C ALA A 44 7.43 1.60 -12.10
N TYR A 45 7.55 2.35 -11.02
CA TYR A 45 7.02 3.70 -10.98
C TYR A 45 7.62 4.50 -9.83
N SER A 46 7.63 5.82 -9.99
CA SER A 46 8.08 6.73 -8.95
C SER A 46 6.87 7.34 -8.26
N LEU A 47 6.82 7.20 -6.95
CA LEU A 47 5.69 7.65 -6.17
C LEU A 47 6.05 8.86 -5.31
N ALA A 48 5.23 9.89 -5.40
CA ALA A 48 5.37 11.11 -4.61
C ALA A 48 6.76 11.72 -4.75
N ASP A 49 7.31 11.65 -5.96
CA ASP A 49 8.61 12.24 -6.28
C ASP A 49 9.69 11.76 -5.32
N GLY A 50 9.76 10.45 -5.11
CA GLY A 50 10.75 9.92 -4.19
C GLY A 50 10.94 8.43 -4.35
N THR A 51 10.09 7.65 -3.69
CA THR A 51 10.20 6.20 -3.73
C THR A 51 9.96 5.68 -5.14
N GLU A 52 10.89 4.88 -5.64
CA GLU A 52 10.72 4.26 -6.94
C GLU A 52 10.64 2.76 -6.76
N LEU A 53 9.42 2.27 -6.69
CA LEU A 53 9.18 0.87 -6.36
C LEU A 53 8.79 0.07 -7.59
N THR A 54 9.56 -0.98 -7.85
CA THR A 54 9.26 -1.92 -8.91
C THR A 54 8.70 -3.18 -8.29
N GLY A 55 7.41 -3.42 -8.42
CA GLY A 55 6.83 -4.52 -7.69
C GLY A 55 5.51 -5.02 -8.23
N THR A 56 5.13 -6.21 -7.77
CA THR A 56 3.89 -6.85 -8.14
C THR A 56 3.04 -7.06 -6.89
N TRP A 57 1.72 -6.93 -7.04
CA TRP A 57 0.82 -7.00 -5.90
C TRP A 57 -0.25 -8.07 -6.11
N THR A 58 -0.55 -8.83 -5.04
CA THR A 58 -1.61 -9.84 -5.11
C THR A 58 -2.38 -9.89 -3.79
N MET A 59 -3.70 -9.88 -3.89
CA MET A 59 -4.54 -10.05 -2.70
C MET A 59 -5.12 -11.45 -2.71
N GLU A 60 -4.74 -12.24 -1.73
CA GLU A 60 -5.23 -13.60 -1.62
C GLU A 60 -6.27 -13.67 -0.52
N GLY A 61 -7.53 -13.76 -0.92
CA GLY A 61 -8.61 -13.62 0.03
C GLY A 61 -8.65 -12.22 0.61
N ASN A 62 -8.51 -12.12 1.91
CA ASN A 62 -8.39 -10.83 2.58
C ASN A 62 -6.98 -10.65 3.13
N LYS A 63 -6.01 -11.16 2.38
CA LYS A 63 -4.60 -11.03 2.73
C LYS A 63 -3.86 -10.31 1.63
N LEU A 64 -3.02 -9.39 2.02
CA LEU A 64 -2.30 -8.57 1.08
C LEU A 64 -0.81 -8.85 1.17
N VAL A 65 -0.28 -9.45 0.11
CA VAL A 65 1.11 -9.86 0.08
C VAL A 65 1.70 -9.60 -1.31
N GLY A 66 2.88 -9.03 -1.35
CA GLY A 66 3.53 -8.77 -2.61
C GLY A 66 5.00 -8.50 -2.43
N LYS A 67 5.56 -7.66 -3.30
CA LYS A 67 6.96 -7.30 -3.22
C LYS A 67 7.23 -6.08 -4.08
N PHE A 68 7.90 -5.09 -3.52
CA PHE A 68 8.25 -3.90 -4.26
C PHE A 68 9.73 -3.58 -4.08
N LYS A 69 10.37 -3.13 -5.13
CA LYS A 69 11.79 -2.85 -5.12
C LYS A 69 12.04 -1.36 -5.05
N ARG A 70 12.58 -0.88 -3.92
CA ARG A 70 12.84 0.54 -3.73
C ARG A 70 14.27 0.84 -4.12
N VAL A 71 14.54 0.73 -5.41
CA VAL A 71 15.91 0.90 -5.93
C VAL A 71 16.41 2.32 -5.69
N ASP A 72 15.46 3.24 -5.55
CA ASP A 72 15.75 4.65 -5.28
C ASP A 72 16.72 4.82 -4.13
N ASN A 73 16.62 3.95 -3.13
CA ASN A 73 17.52 4.02 -1.97
C ASN A 73 18.14 2.67 -1.65
N GLY A 74 17.34 1.61 -1.74
CA GLY A 74 17.85 0.31 -1.38
C GLY A 74 17.55 -0.74 -2.43
N LYS A 75 16.66 -1.65 -2.08
CA LYS A 75 16.42 -2.80 -2.93
C LYS A 75 14.99 -3.34 -2.79
N GLU A 76 14.43 -3.34 -1.59
CA GLU A 76 13.15 -3.99 -1.38
C GLU A 76 12.35 -3.33 -0.27
N LEU A 77 11.16 -2.91 -0.63
CA LEU A 77 10.21 -2.41 0.34
C LEU A 77 8.87 -3.09 0.13
N ILE A 78 8.47 -3.90 1.09
CA ILE A 78 7.31 -4.75 0.93
C ILE A 78 6.24 -4.42 1.97
N ALA A 79 5.01 -4.28 1.51
CA ALA A 79 3.89 -4.08 2.41
C ALA A 79 3.08 -5.37 2.50
N VAL A 80 2.82 -5.84 3.71
CA VAL A 80 2.10 -7.09 3.89
C VAL A 80 1.14 -6.97 5.07
N ARG A 81 -0.16 -7.20 4.81
CA ARG A 81 -1.14 -7.21 5.88
C ARG A 81 -2.47 -7.79 5.43
N GLU A 82 -3.24 -8.31 6.38
CA GLU A 82 -4.57 -8.82 6.10
C GLU A 82 -5.62 -7.84 6.61
N ILE A 83 -6.82 -7.92 6.06
CA ILE A 83 -7.90 -7.03 6.48
C ILE A 83 -8.86 -7.78 7.40
N SER A 84 -8.98 -7.33 8.64
CA SER A 84 -9.89 -7.96 9.59
C SER A 84 -11.15 -7.12 9.75
N GLY A 85 -12.31 -7.73 9.49
CA GLY A 85 -13.55 -6.97 9.45
C GLY A 85 -13.43 -5.84 8.43
N ASN A 86 -13.58 -4.62 8.89
CA ASN A 86 -13.13 -3.50 8.08
C ASN A 86 -12.26 -2.59 8.93
N GLU A 87 -10.96 -2.79 8.80
CA GLU A 87 -9.93 -1.98 9.43
C GLU A 87 -8.61 -2.37 8.80
N LEU A 88 -7.66 -1.47 8.75
CA LEU A 88 -6.40 -1.79 8.08
C LEU A 88 -5.19 -1.47 8.95
N ILE A 89 -4.35 -2.48 9.09
CA ILE A 89 -3.03 -2.29 9.62
C ILE A 89 -2.06 -2.37 8.45
N GLN A 90 -0.98 -1.63 8.49
CA GLN A 90 -0.07 -1.60 7.35
C GLN A 90 1.36 -1.82 7.80
N THR A 91 2.00 -2.82 7.22
CA THR A 91 3.38 -3.13 7.56
C THR A 91 4.30 -2.84 6.40
N TYR A 92 5.31 -2.03 6.66
CA TYR A 92 6.33 -1.76 5.66
C TYR A 92 7.60 -2.53 6.01
N THR A 93 7.91 -3.54 5.24
CA THR A 93 9.13 -4.29 5.45
C THR A 93 10.19 -3.88 4.42
N TYR A 94 11.19 -3.15 4.90
CA TYR A 94 12.21 -2.60 4.02
C TYR A 94 13.55 -3.28 4.29
N GLU A 95 14.07 -3.96 3.28
CA GLU A 95 15.34 -4.69 3.35
C GLU A 95 15.29 -5.86 4.34
N GLY A 96 15.02 -5.57 5.60
CA GLY A 96 14.90 -6.61 6.59
C GLY A 96 14.36 -6.10 7.91
N VAL A 97 13.49 -5.11 7.85
CA VAL A 97 12.82 -4.58 9.04
C VAL A 97 11.37 -4.23 8.72
N GLU A 98 10.46 -4.63 9.60
CA GLU A 98 9.04 -4.38 9.38
C GLU A 98 8.52 -3.34 10.35
N ALA A 99 7.82 -2.35 9.82
CA ALA A 99 7.20 -1.33 10.63
C ALA A 99 5.70 -1.30 10.35
N LYS A 100 4.89 -1.51 11.38
CA LYS A 100 3.45 -1.58 11.20
C LYS A 100 2.75 -0.42 11.89
N ARG A 101 1.66 0.02 11.28
CA ARG A 101 0.88 1.14 11.77
C ARG A 101 -0.60 0.83 11.58
N ILE A 102 -1.42 1.19 12.55
CA ILE A 102 -2.81 0.75 12.57
C ILE A 102 -3.75 1.87 12.14
N PHE A 103 -4.71 1.51 11.27
CA PHE A 103 -5.70 2.45 10.77
C PHE A 103 -7.07 1.77 10.75
N LYS A 104 -8.13 2.56 10.68
CA LYS A 104 -9.47 2.00 10.64
C LYS A 104 -10.25 2.61 9.47
N LYS A 105 -11.27 1.91 9.00
CA LYS A 105 -12.09 2.41 7.90
C LYS A 105 -12.94 3.58 8.36
N GLU A 106 -13.09 4.56 7.48
CA GLU A 106 -13.92 5.73 7.77
C GLU A 106 -15.40 5.33 7.73
#